data_3T30
#
_entry.id   3T30
#
_cell.length_a   49.03
_cell.length_b   107.24
_cell.length_c   108.7
_cell.angle_alpha   90.00
_cell.angle_beta   102.54
_cell.angle_gamma   90.00
#
_symmetry.space_group_name_H-M   'P 1 21 1'
#
loop_
_entity.id
_entity.type
_entity.pdbx_description
1 polymer Nucleoplasmin-2
2 water water
#
_entity_poly.entity_id   1
_entity_poly.type   'polypeptide(L)'
_entity_poly.pdbx_seq_one_letter_code
;MVTTVLWGCELSQERRTWTFRPQLEGKQSCRLLLHTICLGEKAKEEMHRVEILPPANQEDKKMQPVTIASLQASVLPMVS
MVGVQLSPPVTFQLRAGSGPVFLSGQERYE
;
_entity_poly.pdbx_strand_id   B,E,D,A,C,H,I,J,F,G
#
# COMPACT_ATOMS: atom_id res chain seq x y z
N THR A 3 -32.21 -8.56 10.64
CA THR A 3 -32.56 -9.83 10.03
C THR A 3 -33.18 -9.64 8.65
N THR A 4 -32.49 -10.13 7.63
CA THR A 4 -32.97 -10.01 6.26
C THR A 4 -33.54 -11.33 5.74
N VAL A 5 -34.68 -11.25 5.07
CA VAL A 5 -35.33 -12.43 4.54
C VAL A 5 -35.48 -12.26 3.03
N LEU A 6 -35.35 -13.35 2.29
CA LEU A 6 -35.43 -13.26 0.84
C LEU A 6 -36.90 -13.04 0.48
N TRP A 7 -37.10 -12.27 -0.59
CA TRP A 7 -38.42 -11.84 -1.00
C TRP A 7 -38.52 -11.88 -2.51
N GLY A 8 -39.70 -12.23 -3.01
CA GLY A 8 -39.93 -12.27 -4.45
C GLY A 8 -41.39 -12.21 -4.85
N CYS A 9 -41.67 -11.82 -6.09
CA CYS A 9 -43.02 -11.92 -6.59
C CYS A 9 -43.04 -12.11 -8.10
N GLU A 10 -44.19 -12.56 -8.57
CA GLU A 10 -44.40 -12.75 -9.98
C GLU A 10 -45.61 -11.94 -10.45
N LEU A 11 -45.40 -11.07 -11.45
CA LEU A 11 -46.50 -10.32 -12.05
C LEU A 11 -46.88 -10.89 -13.42
N SER A 12 -48.15 -10.72 -13.81
CA SER A 12 -48.60 -11.15 -15.14
C SER A 12 -49.88 -10.43 -15.54
N GLN A 13 -50.35 -10.68 -16.75
CA GLN A 13 -51.59 -9.98 -17.15
C GLN A 13 -52.77 -10.52 -16.29
N GLU A 14 -52.70 -11.78 -15.92
CA GLU A 14 -53.74 -12.42 -15.08
C GLU A 14 -53.68 -11.90 -13.65
N ARG A 15 -52.46 -11.69 -13.12
CA ARG A 15 -52.25 -11.13 -11.79
C ARG A 15 -51.32 -9.90 -11.87
N ARG A 16 -51.89 -8.78 -12.27
CA ARG A 16 -51.05 -7.62 -12.61
C ARG A 16 -50.46 -6.87 -11.39
N THR A 17 -50.94 -7.14 -10.18
CA THR A 17 -50.52 -6.33 -9.01
C THR A 17 -50.05 -7.21 -7.89
N TRP A 18 -49.17 -6.63 -7.08
CA TRP A 18 -48.67 -7.33 -5.91
C TRP A 18 -48.29 -6.28 -4.87
N THR A 19 -48.67 -6.50 -3.64
CA THR A 19 -48.43 -5.51 -2.58
C THR A 19 -47.60 -6.08 -1.44
N PHE A 20 -46.51 -5.39 -1.10
CA PHE A 20 -45.69 -5.76 0.03
C PHE A 20 -46.16 -4.90 1.18
N ARG A 21 -46.65 -5.52 2.25
CA ARG A 21 -47.40 -4.75 3.26
C ARG A 21 -47.50 -5.47 4.60
N SER A 29 -38.70 -5.85 6.37
CA SER A 29 -40.06 -5.44 6.66
C SER A 29 -40.16 -3.94 6.98
N CYS A 30 -39.09 -3.38 7.56
CA CYS A 30 -39.01 -1.91 7.64
C CYS A 30 -38.59 -1.35 6.27
N ARG A 31 -37.77 -2.08 5.51
CA ARG A 31 -37.47 -1.72 4.10
C ARG A 31 -37.44 -2.92 3.16
N LEU A 32 -37.98 -2.72 1.96
CA LEU A 32 -37.86 -3.71 0.91
C LEU A 32 -36.63 -3.34 0.07
N LEU A 33 -35.64 -4.25 0.06
CA LEU A 33 -34.47 -4.11 -0.80
C LEU A 33 -34.79 -4.75 -2.12
N LEU A 34 -34.93 -3.90 -3.14
CA LEU A 34 -35.29 -4.37 -4.47
C LEU A 34 -34.04 -4.65 -5.33
N HIS A 35 -33.80 -5.92 -5.64
CA HIS A 35 -32.60 -6.36 -6.41
C HIS A 35 -32.74 -6.48 -7.92
N THR A 36 -33.52 -7.45 -8.38
CA THR A 36 -33.64 -7.62 -9.82
C THR A 36 -35.06 -7.76 -10.30
N ILE A 37 -35.24 -7.47 -11.57
CA ILE A 37 -36.53 -7.65 -12.24
C ILE A 37 -36.25 -8.39 -13.54
N CYS A 38 -36.93 -9.52 -13.72
CA CYS A 38 -36.64 -10.45 -14.82
C CYS A 38 -37.88 -10.93 -15.58
N LEU A 39 -37.78 -11.02 -16.90
CA LEU A 39 -38.85 -11.63 -17.68
C LEU A 39 -38.79 -13.15 -17.57
N GLY A 40 -39.93 -13.82 -17.56
CA GLY A 40 -39.90 -15.27 -17.67
C GLY A 40 -39.82 -15.71 -19.13
N GLU A 41 -39.37 -16.96 -19.29
CA GLU A 41 -39.15 -17.59 -20.60
C GLU A 41 -40.44 -17.68 -21.41
N LYS A 42 -41.57 -17.68 -20.70
CA LYS A 42 -42.89 -17.70 -21.32
C LYS A 42 -43.38 -16.35 -21.80
N ALA A 43 -42.76 -15.26 -21.33
CA ALA A 43 -43.29 -13.94 -21.66
C ALA A 43 -43.32 -13.67 -23.18
N LYS A 44 -44.36 -12.97 -23.64
CA LYS A 44 -44.50 -12.66 -25.06
C LYS A 44 -43.41 -11.62 -25.30
N GLU A 45 -43.47 -10.98 -26.47
CA GLU A 45 -42.37 -10.23 -27.05
C GLU A 45 -42.58 -8.73 -26.88
N GLU A 46 -43.80 -8.34 -26.53
CA GLU A 46 -44.12 -6.94 -26.34
C GLU A 46 -43.37 -6.35 -25.14
N MET A 47 -43.04 -5.08 -25.23
CA MET A 47 -42.32 -4.39 -24.16
C MET A 47 -43.11 -4.53 -22.88
N HIS A 48 -42.42 -4.74 -21.76
CA HIS A 48 -43.07 -4.82 -20.45
C HIS A 48 -42.67 -3.61 -19.64
N ARG A 49 -43.56 -3.17 -18.78
CA ARG A 49 -43.27 -2.03 -17.95
C ARG A 49 -43.87 -2.19 -16.56
N VAL A 50 -43.04 -1.95 -15.55
CA VAL A 50 -43.45 -2.18 -14.18
C VAL A 50 -43.45 -0.84 -13.53
N GLU A 51 -44.56 -0.52 -12.87
CA GLU A 51 -44.65 0.71 -12.09
C GLU A 51 -44.88 0.43 -10.59
N ILE A 52 -44.60 1.42 -9.76
CA ILE A 52 -44.93 1.34 -8.33
C ILE A 52 -46.14 2.28 -8.13
N LEU A 53 -47.21 1.80 -7.50
CA LEU A 53 -48.42 2.62 -7.37
C LEU A 53 -48.44 3.27 -5.99
N PRO A 54 -48.93 4.52 -5.91
CA PRO A 54 -49.28 5.10 -4.60
C PRO A 54 -50.46 4.30 -3.98
N PRO A 55 -50.70 4.41 -2.67
CA PRO A 55 -49.88 5.14 -1.68
C PRO A 55 -48.74 4.27 -1.18
N GLN A 64 -49.41 9.88 -8.72
CA GLN A 64 -49.26 9.07 -9.93
C GLN A 64 -48.25 7.89 -9.80
N PRO A 65 -48.32 6.91 -10.73
CA PRO A 65 -47.40 5.76 -10.63
C PRO A 65 -45.98 6.11 -11.09
N VAL A 66 -45.00 5.42 -10.52
CA VAL A 66 -43.63 5.67 -10.91
C VAL A 66 -43.17 4.44 -11.70
N THR A 67 -42.63 4.64 -12.89
CA THR A 67 -42.16 3.52 -13.67
C THR A 67 -40.77 3.16 -13.16
N ILE A 68 -40.58 1.90 -12.81
CA ILE A 68 -39.24 1.47 -12.38
C ILE A 68 -38.50 0.61 -13.37
N ALA A 69 -39.18 -0.02 -14.31
CA ALA A 69 -38.43 -0.84 -15.26
C ALA A 69 -39.18 -0.98 -16.56
N SER A 70 -38.41 -1.08 -17.63
CA SER A 70 -38.95 -1.45 -18.96
C SER A 70 -38.06 -2.54 -19.55
N LEU A 71 -38.67 -3.62 -20.01
CA LEU A 71 -37.88 -4.79 -20.36
C LEU A 71 -38.53 -5.33 -21.60
N GLN A 72 -37.76 -6.07 -22.38
CA GLN A 72 -38.32 -6.71 -23.57
C GLN A 72 -37.52 -7.95 -23.93
N ALA A 73 -38.23 -9.02 -24.27
CA ALA A 73 -37.55 -10.33 -24.38
C ALA A 73 -36.35 -10.34 -25.35
N SER A 74 -36.53 -9.76 -26.52
CA SER A 74 -35.48 -9.87 -27.49
C SER A 74 -34.46 -8.71 -27.39
N VAL A 75 -34.56 -7.89 -26.34
CA VAL A 75 -33.73 -6.69 -26.22
C VAL A 75 -32.98 -6.60 -24.89
N LEU A 76 -33.72 -6.78 -23.80
CA LEU A 76 -33.15 -6.72 -22.46
C LEU A 76 -33.79 -7.74 -21.53
N PRO A 77 -33.15 -8.90 -21.39
CA PRO A 77 -33.67 -9.96 -20.53
C PRO A 77 -34.21 -9.42 -19.22
N MET A 78 -33.33 -8.89 -18.38
CA MET A 78 -33.73 -8.34 -17.09
C MET A 78 -32.88 -7.12 -16.71
N VAL A 79 -33.01 -6.67 -15.48
CA VAL A 79 -32.26 -5.54 -15.00
C VAL A 79 -31.96 -5.69 -13.53
N SER A 80 -30.79 -5.21 -13.13
CA SER A 80 -30.45 -5.18 -11.72
C SER A 80 -30.61 -3.76 -11.24
N MET A 81 -31.22 -3.59 -10.08
CA MET A 81 -31.27 -2.29 -9.41
C MET A 81 -30.89 -2.35 -7.93
N VAL A 82 -29.88 -3.17 -7.67
CA VAL A 82 -29.41 -3.41 -6.31
C VAL A 82 -29.07 -2.08 -5.71
N GLY A 83 -29.54 -1.83 -4.50
CA GLY A 83 -29.33 -0.54 -3.86
C GLY A 83 -30.63 0.23 -3.64
N VAL A 84 -31.64 -0.09 -4.40
CA VAL A 84 -32.93 0.57 -4.19
C VAL A 84 -33.57 0.04 -2.92
N GLN A 85 -33.95 0.94 -2.01
CA GLN A 85 -34.65 0.50 -0.80
C GLN A 85 -36.01 1.17 -0.65
N LEU A 86 -37.05 0.36 -0.55
CA LEU A 86 -38.41 0.89 -0.63
C LEU A 86 -39.11 0.90 0.73
N SER A 87 -39.82 1.97 1.02
CA SER A 87 -40.55 2.01 2.30
C SER A 87 -41.97 1.43 2.13
N PRO A 88 -42.34 0.42 2.94
CA PRO A 88 -43.62 -0.29 2.82
C PRO A 88 -44.72 0.61 3.34
N PRO A 89 -45.97 0.46 2.82
CA PRO A 89 -46.40 -0.54 1.84
C PRO A 89 -45.92 -0.19 0.43
N VAL A 90 -45.69 -1.19 -0.40
CA VAL A 90 -45.36 -0.88 -1.79
C VAL A 90 -46.17 -1.79 -2.70
N THR A 91 -46.85 -1.16 -3.65
CA THR A 91 -47.60 -1.91 -4.63
C THR A 91 -46.93 -1.89 -6.01
N PHE A 92 -46.61 -3.06 -6.55
CA PHE A 92 -46.09 -3.12 -7.92
C PHE A 92 -47.21 -3.41 -8.91
N GLN A 93 -47.14 -2.84 -10.11
CA GLN A 93 -48.11 -3.24 -11.14
C GLN A 93 -47.45 -3.48 -12.48
N LEU A 94 -47.84 -4.55 -13.17
CA LEU A 94 -47.41 -4.76 -14.53
C LEU A 94 -48.26 -3.87 -15.41
N ARG A 95 -47.75 -2.68 -15.69
CA ARG A 95 -48.50 -1.66 -16.39
C ARG A 95 -48.62 -1.98 -17.90
N ALA A 96 -47.60 -2.63 -18.47
CA ALA A 96 -47.68 -3.10 -19.85
C ALA A 96 -47.00 -4.45 -20.03
N GLY A 97 -47.50 -5.28 -20.95
CA GLY A 97 -47.03 -6.65 -21.17
C GLY A 97 -47.77 -7.82 -20.48
N SER A 98 -47.62 -9.04 -21.01
CA SER A 98 -48.27 -10.28 -20.48
C SER A 98 -47.56 -10.88 -19.27
N GLY A 99 -46.24 -10.72 -19.25
CA GLY A 99 -45.48 -11.41 -18.25
C GLY A 99 -45.44 -12.88 -18.65
N PRO A 100 -44.94 -13.69 -17.76
CA PRO A 100 -44.57 -13.36 -16.39
C PRO A 100 -43.40 -12.37 -16.26
N VAL A 101 -43.50 -11.47 -15.26
CA VAL A 101 -42.35 -10.68 -14.80
C VAL A 101 -42.09 -10.94 -13.33
N PHE A 102 -40.85 -11.28 -13.00
CA PHE A 102 -40.48 -11.61 -11.63
C PHE A 102 -39.78 -10.43 -11.01
N LEU A 103 -39.91 -10.32 -9.70
CA LEU A 103 -39.13 -9.38 -8.91
C LEU A 103 -38.45 -10.15 -7.77
N SER A 104 -37.26 -9.69 -7.40
CA SER A 104 -36.51 -10.27 -6.30
C SER A 104 -36.02 -9.16 -5.37
N GLY A 105 -35.79 -9.53 -4.13
CA GLY A 105 -35.24 -8.61 -3.18
C GLY A 105 -35.14 -9.23 -1.80
N GLN A 106 -35.03 -8.38 -0.80
CA GLN A 106 -34.93 -8.82 0.57
C GLN A 106 -35.67 -7.86 1.47
N GLU A 107 -36.39 -8.41 2.46
CA GLU A 107 -36.96 -7.58 3.51
C GLU A 107 -35.88 -7.41 4.58
N ARG A 108 -35.68 -6.21 5.08
CA ARG A 108 -34.72 -6.02 6.17
C ARG A 108 -35.31 -5.18 7.31
N TYR A 109 -34.99 -5.53 8.55
CA TYR A 109 -35.35 -4.67 9.69
C TYR A 109 -34.40 -4.75 10.88
N VAL B 5 -4.71 3.69 -6.62
CA VAL B 5 -4.27 4.08 -7.96
C VAL B 5 -5.07 3.34 -9.03
N LEU B 6 -4.88 3.74 -10.28
CA LEU B 6 -5.58 3.14 -11.41
C LEU B 6 -4.81 1.93 -11.94
N TRP B 7 -5.53 0.87 -12.28
CA TRP B 7 -4.93 -0.34 -12.81
C TRP B 7 -5.79 -0.94 -13.93
N GLY B 8 -5.13 -1.58 -14.89
CA GLY B 8 -5.83 -2.19 -16.00
C GLY B 8 -5.03 -3.31 -16.59
N CYS B 9 -5.67 -4.18 -17.34
CA CYS B 9 -4.93 -5.19 -18.10
C CYS B 9 -5.67 -5.58 -19.38
N GLU B 10 -4.92 -6.16 -20.31
CA GLU B 10 -5.50 -6.59 -21.57
C GLU B 10 -5.27 -8.11 -21.63
N LEU B 11 -6.31 -8.87 -21.94
CA LEU B 11 -6.18 -10.31 -22.12
C LEU B 11 -6.45 -10.58 -23.56
N SER B 12 -5.78 -11.59 -24.09
CA SER B 12 -5.95 -12.00 -25.47
C SER B 12 -5.59 -13.48 -25.63
N GLN B 13 -5.87 -14.03 -26.80
CA GLN B 13 -5.43 -15.39 -27.07
C GLN B 13 -3.90 -15.53 -26.97
N GLU B 14 -3.19 -14.46 -27.31
CA GLU B 14 -1.73 -14.45 -27.20
C GLU B 14 -1.30 -14.39 -25.75
N ARG B 15 -1.95 -13.53 -24.98
CA ARG B 15 -1.68 -13.39 -23.56
C ARG B 15 -2.93 -13.66 -22.74
N ARG B 16 -3.21 -14.93 -22.48
CA ARG B 16 -4.44 -15.32 -21.80
C ARG B 16 -4.57 -15.00 -20.30
N THR B 17 -3.44 -14.79 -19.64
CA THR B 17 -3.45 -14.52 -18.20
C THR B 17 -2.85 -13.17 -17.85
N TRP B 18 -3.16 -12.69 -16.66
CA TRP B 18 -2.65 -11.41 -16.16
C TRP B 18 -2.84 -11.33 -14.66
N THR B 19 -1.78 -11.63 -13.91
CA THR B 19 -1.85 -11.67 -12.45
C THR B 19 -1.56 -10.32 -11.81
N PHE B 20 -2.44 -9.90 -10.92
CA PHE B 20 -2.27 -8.67 -10.16
C PHE B 20 -1.48 -8.88 -8.88
N ARG B 21 -0.44 -8.06 -8.73
CA ARG B 21 0.17 -7.87 -7.43
C ARG B 21 0.52 -6.40 -7.17
N PRO B 22 0.85 -6.10 -5.90
CA PRO B 22 1.42 -4.80 -5.48
C PRO B 22 2.72 -4.48 -6.24
N GLN B 28 -2.40 1.85 -0.03
CA GLN B 28 -2.37 0.39 -0.06
C GLN B 28 -2.63 -0.23 -1.46
N SER B 29 -2.47 -1.55 -1.53
CA SER B 29 -2.74 -2.35 -2.73
C SER B 29 -3.00 -3.77 -2.24
N CYS B 30 -3.72 -3.87 -1.12
CA CYS B 30 -4.15 -5.14 -0.59
C CYS B 30 -5.63 -5.35 -0.90
N ARG B 31 -6.13 -4.53 -1.83
CA ARG B 31 -7.46 -4.73 -2.40
C ARG B 31 -7.50 -4.24 -3.84
N LEU B 32 -7.92 -5.13 -4.73
CA LEU B 32 -8.17 -4.79 -6.11
C LEU B 32 -9.68 -4.52 -6.27
N LEU B 33 -10.05 -3.28 -6.53
CA LEU B 33 -11.44 -2.95 -6.85
C LEU B 33 -11.61 -3.24 -8.33
N LEU B 34 -12.49 -4.17 -8.70
CA LEU B 34 -12.73 -4.48 -10.11
C LEU B 34 -13.89 -3.66 -10.63
N HIS B 35 -13.67 -2.80 -11.65
CA HIS B 35 -14.77 -1.92 -12.12
C HIS B 35 -15.44 -2.36 -13.41
N THR B 36 -14.68 -2.41 -14.50
CA THR B 36 -15.30 -2.83 -15.76
C THR B 36 -14.48 -3.84 -16.54
N ILE B 37 -15.16 -4.57 -17.42
CA ILE B 37 -14.53 -5.51 -18.32
C ILE B 37 -15.12 -5.25 -19.69
N CYS B 38 -14.27 -5.01 -20.68
CA CYS B 38 -14.72 -4.49 -21.96
C CYS B 38 -14.09 -5.22 -23.15
N LEU B 39 -14.88 -5.53 -24.16
CA LEU B 39 -14.25 -6.06 -25.38
C LEU B 39 -13.57 -4.93 -26.18
N GLY B 40 -12.41 -5.22 -26.79
CA GLY B 40 -11.85 -4.28 -27.73
C GLY B 40 -12.56 -4.29 -29.07
N GLU B 41 -12.50 -3.16 -29.80
CA GLU B 41 -13.10 -3.10 -31.14
C GLU B 41 -12.51 -4.13 -32.10
N LYS B 42 -11.33 -4.67 -31.75
CA LYS B 42 -10.71 -5.68 -32.59
C LYS B 42 -11.12 -7.13 -32.28
N ALA B 43 -11.93 -7.33 -31.23
CA ALA B 43 -12.29 -8.69 -30.85
C ALA B 43 -13.22 -9.25 -31.92
N LYS B 44 -13.08 -10.52 -32.25
CA LYS B 44 -13.94 -11.12 -33.24
C LYS B 44 -15.28 -11.48 -32.57
N GLU B 45 -16.16 -12.11 -33.32
CA GLU B 45 -17.56 -12.24 -32.92
C GLU B 45 -17.90 -13.26 -31.83
N GLU B 46 -16.98 -14.18 -31.55
CA GLU B 46 -17.31 -15.26 -30.63
C GLU B 46 -17.55 -14.79 -29.20
N MET B 47 -18.28 -15.58 -28.41
CA MET B 47 -18.43 -15.31 -26.99
C MET B 47 -17.09 -15.32 -26.24
N HIS B 48 -16.93 -14.43 -25.27
CA HIS B 48 -15.70 -14.34 -24.48
C HIS B 48 -16.07 -14.63 -23.04
N ARG B 49 -15.23 -15.39 -22.35
CA ARG B 49 -15.41 -15.70 -20.94
C ARG B 49 -14.13 -15.46 -20.15
N VAL B 50 -14.27 -14.77 -19.02
CA VAL B 50 -13.13 -14.42 -18.18
C VAL B 50 -13.35 -15.07 -16.85
N GLU B 51 -12.33 -15.78 -16.37
CA GLU B 51 -12.44 -16.45 -15.10
C GLU B 51 -11.36 -15.93 -14.20
N ILE B 52 -11.52 -16.14 -12.89
CA ILE B 52 -10.45 -15.85 -11.96
C ILE B 52 -9.91 -17.21 -11.46
N LEU B 53 -8.59 -17.40 -11.53
CA LEU B 53 -7.96 -18.69 -11.23
C LEU B 53 -7.43 -18.73 -9.80
N PRO B 54 -7.51 -19.91 -9.15
CA PRO B 54 -6.89 -20.21 -7.84
C PRO B 54 -5.38 -19.96 -7.85
N PRO B 55 -4.83 -19.57 -6.69
CA PRO B 55 -3.36 -19.41 -6.55
C PRO B 55 -2.45 -20.64 -6.77
N ALA B 56 -2.52 -21.64 -5.89
CA ALA B 56 -1.67 -22.85 -5.99
C ALA B 56 -1.96 -23.88 -4.89
N GLN B 64 -11.39 -24.73 -8.16
CA GLN B 64 -12.04 -24.54 -9.46
C GLN B 64 -12.09 -23.05 -9.87
N PRO B 65 -11.82 -22.77 -11.16
CA PRO B 65 -11.84 -21.35 -11.52
C PRO B 65 -13.24 -20.74 -11.38
N VAL B 66 -13.31 -19.44 -11.19
CA VAL B 66 -14.62 -18.77 -11.02
C VAL B 66 -14.85 -17.88 -12.24
N THR B 67 -15.92 -18.12 -12.98
CA THR B 67 -16.23 -17.26 -14.13
C THR B 67 -16.78 -15.92 -13.62
N ILE B 68 -16.18 -14.80 -14.07
CA ILE B 68 -16.71 -13.48 -13.64
C ILE B 68 -17.40 -12.67 -14.72
N ALA B 69 -17.18 -12.99 -15.99
CA ALA B 69 -17.86 -12.26 -17.03
C ALA B 69 -17.98 -13.07 -18.30
N SER B 70 -19.13 -12.95 -18.96
CA SER B 70 -19.32 -13.40 -20.34
C SER B 70 -19.74 -12.22 -21.23
N LEU B 71 -19.03 -12.00 -22.35
CA LEU B 71 -19.29 -10.90 -23.21
C LEU B 71 -19.27 -11.35 -24.66
N GLN B 72 -19.98 -10.62 -25.52
CA GLN B 72 -19.97 -10.86 -26.96
C GLN B 72 -20.17 -9.56 -27.73
N ALA B 73 -19.29 -9.30 -28.69
CA ALA B 73 -19.31 -8.00 -29.38
C ALA B 73 -20.71 -7.55 -29.85
N SER B 74 -21.40 -8.42 -30.55
CA SER B 74 -22.70 -8.06 -31.11
C SER B 74 -23.88 -8.06 -30.11
N VAL B 75 -23.68 -8.45 -28.85
CA VAL B 75 -24.79 -8.62 -27.87
C VAL B 75 -24.60 -7.77 -26.64
N LEU B 76 -23.37 -7.82 -26.09
CA LEU B 76 -23.02 -7.10 -24.86
C LEU B 76 -21.53 -6.90 -24.82
N PRO B 77 -21.08 -5.67 -25.15
CA PRO B 77 -19.61 -5.50 -25.32
C PRO B 77 -18.84 -5.17 -24.02
N MET B 78 -19.54 -4.90 -22.93
CA MET B 78 -18.86 -4.62 -21.68
C MET B 78 -19.80 -4.85 -20.50
N VAL B 79 -19.23 -4.85 -19.31
CA VAL B 79 -20.06 -4.96 -18.10
C VAL B 79 -19.37 -4.14 -17.04
N SER B 80 -20.17 -3.56 -16.15
CA SER B 80 -19.69 -2.84 -15.01
C SER B 80 -19.98 -3.73 -13.80
N MET B 81 -19.02 -3.94 -12.92
CA MET B 81 -19.30 -4.59 -11.64
C MET B 81 -18.68 -3.81 -10.50
N VAL B 82 -18.86 -2.49 -10.56
CA VAL B 82 -18.30 -1.62 -9.56
C VAL B 82 -18.80 -2.12 -8.20
N GLY B 83 -17.88 -2.31 -7.28
CA GLY B 83 -18.21 -2.79 -5.95
C GLY B 83 -17.48 -4.09 -5.61
N VAL B 84 -17.03 -4.83 -6.62
CA VAL B 84 -16.28 -6.06 -6.36
C VAL B 84 -14.88 -5.72 -5.87
N GLN B 85 -14.47 -6.32 -4.75
CA GLN B 85 -13.16 -6.07 -4.16
C GLN B 85 -12.48 -7.42 -3.99
N LEU B 86 -11.28 -7.57 -4.53
CA LEU B 86 -10.64 -8.87 -4.56
C LEU B 86 -9.34 -8.84 -3.76
N SER B 87 -8.97 -9.97 -3.17
CA SER B 87 -7.74 -10.02 -2.39
C SER B 87 -6.63 -10.60 -3.25
N PRO B 88 -5.53 -9.86 -3.38
CA PRO B 88 -4.42 -10.35 -4.21
C PRO B 88 -3.82 -11.59 -3.55
N PRO B 89 -3.09 -12.42 -4.32
CA PRO B 89 -2.87 -12.17 -5.74
C PRO B 89 -4.13 -12.59 -6.49
N VAL B 90 -4.43 -11.93 -7.61
CA VAL B 90 -5.60 -12.30 -8.39
C VAL B 90 -5.07 -12.65 -9.76
N THR B 91 -5.42 -13.82 -10.28
CA THR B 91 -5.05 -14.18 -11.65
C THR B 91 -6.28 -14.30 -12.55
N PHE B 92 -6.35 -13.43 -13.57
CA PHE B 92 -7.45 -13.45 -14.52
C PHE B 92 -7.02 -14.28 -15.66
N GLN B 93 -7.98 -15.02 -16.23
CA GLN B 93 -7.75 -15.77 -17.44
C GLN B 93 -8.87 -15.68 -18.46
N LEU B 94 -8.47 -15.48 -19.71
CA LEU B 94 -9.43 -15.41 -20.78
C LEU B 94 -9.69 -16.84 -21.14
N ARG B 95 -10.76 -17.40 -20.57
CA ARG B 95 -11.04 -18.82 -20.71
C ARG B 95 -11.58 -19.14 -22.10
N ALA B 96 -12.31 -18.20 -22.71
CA ALA B 96 -12.80 -18.41 -24.05
C ALA B 96 -12.79 -17.10 -24.82
N GLY B 97 -12.61 -17.20 -26.14
CA GLY B 97 -12.48 -16.03 -26.99
C GLY B 97 -11.04 -15.60 -27.26
N SER B 98 -10.87 -14.74 -28.25
CA SER B 98 -9.52 -14.36 -28.66
C SER B 98 -9.12 -12.99 -28.22
N GLY B 99 -10.11 -12.20 -27.83
CA GLY B 99 -9.84 -10.88 -27.36
C GLY B 99 -9.50 -9.92 -28.48
N PRO B 100 -8.97 -8.77 -28.11
CA PRO B 100 -8.66 -8.33 -26.75
C PRO B 100 -9.85 -8.18 -25.80
N VAL B 101 -9.66 -8.49 -24.52
CA VAL B 101 -10.62 -8.08 -23.47
C VAL B 101 -9.84 -7.25 -22.46
N PHE B 102 -10.40 -6.11 -22.06
CA PHE B 102 -9.73 -5.24 -21.10
C PHE B 102 -10.38 -5.31 -19.74
N LEU B 103 -9.60 -5.11 -18.69
CA LEU B 103 -10.18 -4.98 -17.36
C LEU B 103 -9.65 -3.72 -16.77
N SER B 104 -10.45 -3.09 -15.91
CA SER B 104 -10.04 -1.85 -15.26
C SER B 104 -10.43 -1.94 -13.80
N GLY B 105 -9.68 -1.26 -12.96
CA GLY B 105 -10.02 -1.18 -11.56
C GLY B 105 -9.17 -0.17 -10.84
N GLN B 106 -9.19 -0.21 -9.51
CA GLN B 106 -8.41 0.74 -8.71
C GLN B 106 -7.70 0.09 -7.54
N GLU B 107 -6.38 -0.03 -7.65
CA GLU B 107 -5.58 -0.56 -6.55
C GLU B 107 -5.88 0.26 -5.30
N ARG B 108 -6.25 -0.42 -4.23
CA ARG B 108 -6.68 0.28 -3.03
C ARG B 108 -5.80 -0.12 -1.84
N THR C 3 -18.57 20.26 -0.82
CA THR C 3 -19.25 20.74 -2.02
C THR C 3 -19.33 19.69 -3.15
N THR C 4 -20.47 19.65 -3.83
CA THR C 4 -20.68 18.79 -5.00
C THR C 4 -21.13 19.62 -6.20
N VAL C 5 -20.50 19.41 -7.34
CA VAL C 5 -20.93 20.06 -8.58
C VAL C 5 -21.06 19.04 -9.71
N LEU C 6 -22.14 19.16 -10.48
CA LEU C 6 -22.36 18.30 -11.63
C LEU C 6 -21.25 18.52 -12.66
N TRP C 7 -20.83 17.43 -13.29
CA TRP C 7 -19.68 17.45 -14.20
C TRP C 7 -20.04 16.67 -15.46
N GLY C 8 -19.55 17.12 -16.61
CA GLY C 8 -19.77 16.34 -17.82
C GLY C 8 -18.70 16.69 -18.82
N CYS C 9 -18.44 15.81 -19.77
CA CYS C 9 -17.61 16.18 -20.93
C CYS C 9 -18.01 15.37 -22.13
N GLU C 10 -17.50 15.80 -23.27
CA GLU C 10 -17.88 15.23 -24.54
C GLU C 10 -16.56 14.91 -25.25
N LEU C 11 -16.45 13.70 -25.78
CA LEU C 11 -15.25 13.30 -26.53
C LEU C 11 -15.64 12.97 -27.97
N SER C 12 -14.70 13.08 -28.93
CA SER C 12 -15.03 12.86 -30.33
C SER C 12 -13.72 12.87 -31.12
N GLN C 13 -13.79 12.61 -32.42
CA GLN C 13 -12.54 12.62 -33.21
C GLN C 13 -11.98 14.03 -33.25
N GLU C 14 -12.85 15.01 -33.05
CA GLU C 14 -12.41 16.41 -33.05
C GLU C 14 -11.84 16.86 -31.68
N ARG C 15 -12.14 16.11 -30.62
CA ARG C 15 -11.61 16.40 -29.32
C ARG C 15 -11.46 15.02 -28.57
N ARG C 16 -10.32 14.41 -28.82
CA ARG C 16 -10.01 13.04 -28.36
C ARG C 16 -9.89 12.86 -26.88
N THR C 17 -9.53 13.91 -26.16
CA THR C 17 -9.26 13.80 -24.74
C THR C 17 -9.87 14.97 -23.97
N TRP C 18 -10.04 14.74 -22.68
CA TRP C 18 -10.52 15.80 -21.83
C TRP C 18 -9.94 15.57 -20.47
N THR C 19 -9.47 16.62 -19.83
CA THR C 19 -8.79 16.40 -18.57
C THR C 19 -9.56 17.10 -17.48
N PHE C 20 -9.87 16.37 -16.42
CA PHE C 20 -10.44 17.04 -15.25
C PHE C 20 -9.36 17.31 -14.22
N ARG C 21 -9.27 18.56 -13.78
CA ARG C 21 -8.44 18.89 -12.61
C ARG C 21 -8.94 20.17 -11.90
N PRO C 22 -8.43 20.44 -10.68
CA PRO C 22 -8.75 21.68 -9.95
C PRO C 22 -9.24 22.80 -10.86
N CYS C 30 -10.50 16.41 -3.33
CA CYS C 30 -11.39 16.36 -4.50
C CYS C 30 -11.34 14.97 -5.12
N ARG C 31 -12.48 14.53 -5.63
CA ARG C 31 -12.61 13.28 -6.33
C ARG C 31 -13.66 13.49 -7.39
N LEU C 32 -13.52 12.77 -8.51
CA LEU C 32 -14.53 12.82 -9.55
C LEU C 32 -15.31 11.50 -9.40
N LEU C 33 -16.60 11.64 -9.09
CA LEU C 33 -17.54 10.53 -9.09
C LEU C 33 -18.07 10.37 -10.51
N LEU C 34 -17.73 9.33 -11.05
CA LEU C 34 -18.09 9.12 -12.44
C LEU C 34 -19.39 8.36 -12.47
N HIS C 35 -20.40 8.85 -13.18
CA HIS C 35 -21.68 8.18 -13.26
C HIS C 35 -21.99 7.39 -14.52
N THR C 36 -22.18 8.06 -15.66
CA THR C 36 -22.52 7.34 -16.86
C THR C 36 -21.68 7.74 -18.05
N ILE C 37 -21.60 6.84 -19.03
CA ILE C 37 -20.93 7.11 -20.33
C ILE C 37 -21.94 6.75 -21.40
N CYS C 38 -22.24 7.70 -22.30
CA CYS C 38 -23.34 7.53 -23.25
C CYS C 38 -22.92 7.95 -24.67
N LEU C 39 -23.33 7.21 -25.70
CA LEU C 39 -23.12 7.68 -27.10
C LEU C 39 -24.16 8.76 -27.44
N GLY C 40 -23.75 9.76 -28.23
CA GLY C 40 -24.70 10.67 -28.85
C GLY C 40 -25.43 10.01 -29.99
N GLU C 41 -26.63 10.52 -30.23
CA GLU C 41 -27.47 10.07 -31.32
C GLU C 41 -26.84 10.35 -32.68
N LYS C 42 -25.95 11.33 -32.72
CA LYS C 42 -25.27 11.70 -33.96
C LYS C 42 -24.09 10.77 -34.24
N ALA C 43 -23.64 10.06 -33.21
CA ALA C 43 -22.51 9.14 -33.34
C ALA C 43 -22.70 8.20 -34.52
N LYS C 44 -21.61 7.62 -34.99
CA LYS C 44 -21.66 6.70 -36.13
C LYS C 44 -22.04 5.36 -35.53
N GLU C 45 -21.82 4.29 -36.29
CA GLU C 45 -22.15 2.94 -35.85
C GLU C 45 -21.02 2.04 -35.34
N GLU C 46 -19.79 2.51 -35.49
CA GLU C 46 -18.63 1.75 -35.05
C GLU C 46 -18.57 1.59 -33.53
N MET C 47 -17.90 0.54 -33.06
CA MET C 47 -17.55 0.46 -31.63
C MET C 47 -16.69 1.62 -31.13
N HIS C 48 -17.04 2.11 -29.96
CA HIS C 48 -16.34 3.19 -29.32
C HIS C 48 -15.67 2.64 -28.08
N ARG C 49 -14.45 3.10 -27.80
CA ARG C 49 -13.76 2.62 -26.58
C ARG C 49 -13.17 3.84 -25.88
N VAL C 50 -13.41 3.93 -24.58
CA VAL C 50 -12.94 5.08 -23.81
C VAL C 50 -11.91 4.58 -22.79
N GLU C 51 -10.82 5.35 -22.63
CA GLU C 51 -9.70 4.99 -21.77
C GLU C 51 -9.48 6.09 -20.77
N ILE C 52 -8.80 5.77 -19.67
CA ILE C 52 -8.22 6.80 -18.83
C ILE C 52 -6.69 6.72 -19.08
N LEU C 53 -6.07 7.87 -19.33
CA LEU C 53 -4.64 7.91 -19.64
C LEU C 53 -3.82 8.20 -18.40
N PRO C 54 -2.79 7.40 -18.15
CA PRO C 54 -1.92 7.60 -16.99
C PRO C 54 -1.45 9.06 -16.87
N PRO C 65 -2.69 3.08 -21.10
CA PRO C 65 -4.04 3.52 -20.66
C PRO C 65 -4.88 2.37 -20.16
N VAL C 66 -5.92 2.70 -19.42
CA VAL C 66 -6.83 1.73 -18.81
C VAL C 66 -8.16 1.93 -19.56
N THR C 67 -8.72 0.87 -20.09
CA THR C 67 -9.96 0.99 -20.88
C THR C 67 -11.10 0.88 -19.85
N ILE C 68 -12.04 1.82 -19.86
CA ILE C 68 -13.15 1.84 -18.91
C ILE C 68 -14.52 1.58 -19.53
N ALA C 69 -14.64 1.71 -20.85
CA ALA C 69 -15.94 1.43 -21.47
C ALA C 69 -15.75 1.12 -22.95
N SER C 70 -16.57 0.18 -23.43
CA SER C 70 -16.84 -0.07 -24.84
C SER C 70 -18.32 0.00 -25.11
N LEU C 71 -18.70 0.77 -26.12
CA LEU C 71 -20.14 1.09 -26.40
C LEU C 71 -20.32 1.01 -27.88
N GLN C 72 -21.53 0.68 -28.32
CA GLN C 72 -21.82 0.73 -29.76
C GLN C 72 -23.33 0.98 -29.93
N ALA C 73 -23.66 1.90 -30.83
CA ALA C 73 -24.99 2.45 -30.93
C ALA C 73 -26.09 1.38 -31.09
N SER C 74 -25.87 0.40 -31.96
CA SER C 74 -26.88 -0.63 -32.20
C SER C 74 -26.85 -1.81 -31.19
N VAL C 75 -25.94 -1.76 -30.23
CA VAL C 75 -25.79 -2.87 -29.29
C VAL C 75 -25.86 -2.44 -27.81
N LEU C 76 -25.14 -1.37 -27.44
CA LEU C 76 -25.13 -0.91 -26.06
C LEU C 76 -24.78 0.56 -26.09
N PRO C 77 -25.78 1.45 -26.05
CA PRO C 77 -25.48 2.88 -26.27
C PRO C 77 -25.00 3.63 -25.02
N MET C 78 -25.03 3.01 -23.84
CA MET C 78 -24.52 3.67 -22.64
C MET C 78 -24.23 2.62 -21.56
N VAL C 79 -23.55 3.06 -20.51
CA VAL C 79 -23.29 2.24 -19.36
C VAL C 79 -23.24 3.11 -18.11
N SER C 80 -23.69 2.52 -17.00
CA SER C 80 -23.69 3.22 -15.72
C SER C 80 -22.57 2.71 -14.83
N MET C 81 -21.83 3.62 -14.21
CA MET C 81 -20.71 3.27 -13.35
C MET C 81 -20.76 4.01 -12.01
N VAL C 82 -21.94 4.09 -11.42
CA VAL C 82 -22.11 4.75 -10.14
C VAL C 82 -21.36 3.99 -9.05
N GLY C 83 -20.29 4.60 -8.53
CA GLY C 83 -19.46 3.96 -7.53
C GLY C 83 -17.99 4.27 -7.77
N VAL C 84 -17.62 4.53 -9.02
CA VAL C 84 -16.18 4.75 -9.33
C VAL C 84 -15.84 6.16 -8.92
N GLN C 85 -14.76 6.33 -8.13
CA GLN C 85 -14.35 7.63 -7.66
C GLN C 85 -12.88 7.83 -8.08
N LEU C 86 -12.60 8.91 -8.79
CA LEU C 86 -11.27 9.15 -9.34
C LEU C 86 -10.53 10.30 -8.65
N SER C 87 -9.22 10.14 -8.50
CA SER C 87 -8.38 11.19 -7.94
C SER C 87 -7.76 12.01 -9.05
N PRO C 88 -8.06 13.31 -9.06
CA PRO C 88 -7.59 14.20 -10.13
C PRO C 88 -6.08 14.34 -10.03
N PRO C 89 -5.44 14.74 -11.12
CA PRO C 89 -6.07 15.06 -12.41
C PRO C 89 -6.49 13.77 -13.14
N VAL C 90 -7.56 13.81 -13.94
CA VAL C 90 -7.86 12.64 -14.75
C VAL C 90 -8.14 12.98 -16.20
N THR C 91 -7.48 12.22 -17.09
CA THR C 91 -7.61 12.41 -18.54
C THR C 91 -8.33 11.24 -19.20
N PHE C 92 -9.48 11.53 -19.83
CA PHE C 92 -10.21 10.49 -20.56
C PHE C 92 -9.83 10.62 -22.02
N GLN C 93 -9.79 9.48 -22.71
CA GLN C 93 -9.51 9.48 -24.12
C GLN C 93 -10.47 8.63 -24.89
N LEU C 94 -10.92 9.14 -26.02
CA LEU C 94 -11.72 8.36 -26.93
C LEU C 94 -10.74 7.58 -27.78
N ARG C 95 -10.50 6.33 -27.39
CA ARG C 95 -9.41 5.53 -28.00
C ARG C 95 -9.82 5.01 -29.37
N ALA C 96 -11.11 4.67 -29.53
CA ALA C 96 -11.63 4.19 -30.81
C ALA C 96 -13.05 4.72 -30.97
N GLY C 97 -13.40 5.06 -32.22
CA GLY C 97 -14.70 5.60 -32.56
C GLY C 97 -14.67 7.10 -32.83
N SER C 98 -15.71 7.59 -33.50
CA SER C 98 -15.76 9.02 -33.86
C SER C 98 -16.50 9.92 -32.88
N GLY C 99 -17.36 9.31 -32.03
CA GLY C 99 -18.13 10.10 -31.14
C GLY C 99 -19.27 10.81 -31.88
N PRO C 100 -19.94 11.72 -31.16
CA PRO C 100 -19.63 12.07 -29.78
C PRO C 100 -19.90 10.97 -28.72
N VAL C 101 -19.07 11.01 -27.68
CA VAL C 101 -19.34 10.22 -26.44
C VAL C 101 -19.36 11.17 -25.26
N PHE C 102 -20.43 11.09 -24.44
CA PHE C 102 -20.56 11.91 -23.23
C PHE C 102 -20.15 11.16 -22.01
N LEU C 103 -19.60 11.88 -21.04
CA LEU C 103 -19.36 11.35 -19.70
C LEU C 103 -20.04 12.30 -18.70
N SER C 104 -20.62 11.74 -17.65
CA SER C 104 -21.23 12.53 -16.62
C SER C 104 -20.71 12.08 -15.24
N GLY C 105 -20.74 12.99 -14.28
CA GLY C 105 -20.32 12.65 -12.93
C GLY C 105 -20.51 13.83 -12.00
N GLN C 106 -19.84 13.80 -10.87
CA GLN C 106 -19.94 14.87 -9.88
C GLN C 106 -18.58 15.18 -9.31
N GLU C 107 -18.19 16.44 -9.31
CA GLU C 107 -17.00 16.82 -8.56
C GLU C 107 -17.37 16.90 -7.10
N ARG C 108 -16.54 16.32 -6.25
CA ARG C 108 -16.78 16.31 -4.82
C ARG C 108 -15.61 16.93 -4.05
N TYR C 109 -15.90 18.02 -3.35
CA TYR C 109 -14.99 18.79 -2.48
C TYR C 109 -14.27 19.93 -3.21
N THR D 4 -14.30 -12.30 1.73
CA THR D 4 -12.97 -12.76 2.14
C THR D 4 -12.49 -13.91 1.27
N VAL D 5 -13.39 -14.83 0.95
CA VAL D 5 -13.06 -15.99 0.12
C VAL D 5 -13.87 -15.99 -1.17
N LEU D 6 -13.17 -16.13 -2.29
CA LEU D 6 -13.82 -16.15 -3.59
C LEU D 6 -14.68 -17.40 -3.71
N TRP D 7 -15.85 -17.26 -4.34
CA TRP D 7 -16.76 -18.38 -4.51
C TRP D 7 -17.29 -18.44 -5.94
N GLY D 8 -17.65 -19.65 -6.38
CA GLY D 8 -18.16 -19.85 -7.72
C GLY D 8 -18.81 -21.21 -7.89
N CYS D 9 -19.74 -21.31 -8.83
CA CYS D 9 -20.43 -22.56 -9.09
C CYS D 9 -21.08 -22.56 -10.47
N GLU D 10 -21.03 -23.71 -11.14
CA GLU D 10 -21.61 -23.84 -12.47
C GLU D 10 -22.85 -24.73 -12.43
N LEU D 11 -23.98 -24.20 -12.89
CA LEU D 11 -25.23 -24.95 -12.89
C LEU D 11 -25.50 -25.43 -14.31
N SER D 12 -26.19 -26.57 -14.44
CA SER D 12 -26.51 -27.11 -15.75
C SER D 12 -27.58 -28.18 -15.66
N GLN D 13 -27.99 -28.66 -16.83
CA GLN D 13 -28.89 -29.79 -16.96
C GLN D 13 -28.44 -30.94 -16.06
N GLU D 14 -27.14 -31.21 -16.01
CA GLU D 14 -26.60 -32.25 -15.16
C GLU D 14 -26.64 -31.83 -13.69
N ARG D 15 -26.54 -30.53 -13.46
CA ARG D 15 -26.59 -29.98 -12.10
C ARG D 15 -27.29 -28.62 -12.10
N ARG D 16 -28.58 -28.63 -11.77
CA ARG D 16 -29.38 -27.40 -11.77
C ARG D 16 -29.58 -26.85 -10.36
N THR D 17 -29.08 -27.55 -9.37
CA THR D 17 -29.23 -27.12 -8.00
C THR D 17 -27.89 -27.07 -7.31
N TRP D 18 -27.67 -26.05 -6.49
CA TRP D 18 -26.55 -25.99 -5.57
C TRP D 18 -26.80 -25.16 -4.36
N THR D 19 -26.29 -25.66 -3.28
CA THR D 19 -26.55 -25.04 -2.00
C THR D 19 -25.27 -24.58 -1.30
N PHE D 20 -25.27 -23.32 -0.87
CA PHE D 20 -24.16 -22.75 -0.14
C PHE D 20 -24.41 -22.80 1.36
N ARG D 21 -23.45 -23.38 2.07
CA ARG D 21 -23.34 -23.23 3.53
C ARG D 21 -21.90 -22.80 3.90
N PRO D 22 -21.76 -22.09 5.03
CA PRO D 22 -20.50 -21.52 5.52
C PRO D 22 -19.23 -22.14 4.88
N CYS D 30 -21.43 -17.03 6.91
CA CYS D 30 -22.11 -15.83 7.38
C CYS D 30 -22.88 -15.07 6.28
N ARG D 31 -22.23 -14.83 5.13
CA ARG D 31 -22.80 -14.01 4.09
C ARG D 31 -22.23 -14.34 2.69
N LEU D 32 -23.10 -14.68 1.75
CA LEU D 32 -22.70 -14.89 0.36
C LEU D 32 -22.89 -13.54 -0.36
N LEU D 33 -21.79 -12.90 -0.78
CA LEU D 33 -21.91 -11.72 -1.66
C LEU D 33 -21.96 -12.21 -3.09
N LEU D 34 -23.08 -12.02 -3.74
CA LEU D 34 -23.33 -12.54 -5.08
C LEU D 34 -22.98 -11.49 -6.13
N HIS D 35 -21.99 -11.76 -7.00
CA HIS D 35 -21.48 -10.74 -7.93
C HIS D 35 -22.01 -10.74 -9.36
N THR D 36 -21.78 -11.83 -10.09
CA THR D 36 -22.23 -11.90 -11.46
C THR D 36 -22.84 -13.26 -11.73
N ILE D 37 -23.66 -13.33 -12.74
CA ILE D 37 -24.18 -14.58 -13.28
C ILE D 37 -23.99 -14.51 -14.79
N CYS D 38 -23.37 -15.55 -15.34
CA CYS D 38 -22.89 -15.61 -16.73
C CYS D 38 -23.18 -16.92 -17.45
N LEU D 39 -23.62 -16.81 -18.69
CA LEU D 39 -23.82 -17.99 -19.51
C LEU D 39 -22.48 -18.46 -20.05
N GLY D 40 -22.28 -19.78 -20.16
CA GLY D 40 -21.10 -20.33 -20.83
C GLY D 40 -21.24 -20.28 -22.35
N GLU D 41 -20.12 -20.25 -23.06
CA GLU D 41 -20.13 -20.22 -24.53
C GLU D 41 -20.79 -21.49 -25.10
N LYS D 42 -20.83 -22.56 -24.31
CA LYS D 42 -21.48 -23.78 -24.80
C LYS D 42 -22.99 -23.85 -24.54
N ALA D 43 -23.51 -22.87 -23.81
CA ALA D 43 -24.94 -22.80 -23.55
C ALA D 43 -25.68 -22.64 -24.86
N LYS D 44 -26.79 -23.35 -25.01
CA LYS D 44 -27.58 -23.23 -26.22
C LYS D 44 -28.52 -22.00 -26.16
N GLU D 45 -29.34 -21.81 -27.19
CA GLU D 45 -29.98 -20.50 -27.41
C GLU D 45 -30.96 -20.10 -26.30
N GLU D 46 -31.72 -21.06 -25.80
CA GLU D 46 -32.93 -20.82 -25.03
C GLU D 46 -32.68 -19.87 -23.84
N MET D 47 -33.73 -19.17 -23.40
CA MET D 47 -33.61 -18.36 -22.19
C MET D 47 -33.28 -19.23 -20.99
N HIS D 48 -32.53 -18.66 -20.07
CA HIS D 48 -32.13 -19.37 -18.88
C HIS D 48 -32.66 -18.54 -17.70
N ARG D 49 -33.12 -19.21 -16.66
CA ARG D 49 -33.64 -18.53 -15.50
C ARG D 49 -33.09 -19.15 -14.25
N VAL D 50 -32.58 -18.31 -13.37
CA VAL D 50 -32.01 -18.78 -12.13
C VAL D 50 -32.83 -18.29 -10.95
N GLU D 51 -33.15 -19.24 -10.07
CA GLU D 51 -33.93 -18.99 -8.87
C GLU D 51 -33.14 -19.22 -7.61
N ILE D 52 -33.60 -18.64 -6.50
CA ILE D 52 -33.17 -19.06 -5.18
C ILE D 52 -34.39 -19.75 -4.53
N LEU D 53 -34.19 -20.96 -4.01
CA LEU D 53 -35.32 -21.66 -3.36
C LEU D 53 -35.47 -21.15 -1.95
N PRO D 54 -36.72 -21.09 -1.46
CA PRO D 54 -36.95 -20.75 -0.06
C PRO D 54 -36.33 -21.83 0.82
N PRO D 55 -35.77 -21.45 1.98
CA PRO D 55 -35.25 -22.49 2.88
C PRO D 55 -36.40 -23.31 3.50
N ALA D 56 -36.15 -24.55 3.91
CA ALA D 56 -37.27 -25.37 4.43
C ALA D 56 -37.70 -24.85 5.79
N ASN D 57 -39.01 -24.73 5.99
CA ASN D 57 -39.54 -24.26 7.27
C ASN D 57 -40.99 -24.69 7.51
N MET D 63 -42.93 -18.24 -0.39
CA MET D 63 -43.36 -19.62 -0.61
C MET D 63 -42.81 -20.16 -1.92
N GLN D 64 -42.82 -19.33 -2.95
CA GLN D 64 -42.31 -19.73 -4.26
C GLN D 64 -40.87 -19.29 -4.46
N PRO D 65 -40.11 -20.08 -5.21
CA PRO D 65 -38.70 -19.76 -5.48
C PRO D 65 -38.65 -18.32 -5.99
N VAL D 66 -37.56 -17.62 -5.71
CA VAL D 66 -37.42 -16.21 -6.07
C VAL D 66 -36.56 -16.17 -7.32
N THR D 67 -37.06 -15.64 -8.43
CA THR D 67 -36.20 -15.54 -9.63
C THR D 67 -35.20 -14.39 -9.48
N ILE D 68 -33.89 -14.67 -9.69
CA ILE D 68 -32.85 -13.67 -9.59
C ILE D 68 -32.20 -13.27 -10.91
N ALA D 69 -32.32 -14.08 -11.95
CA ALA D 69 -31.68 -13.70 -13.21
C ALA D 69 -32.34 -14.39 -14.37
N SER D 70 -32.56 -13.65 -15.45
CA SER D 70 -32.99 -14.21 -16.75
C SER D 70 -31.93 -13.81 -17.82
N LEU D 71 -31.33 -14.79 -18.50
CA LEU D 71 -30.20 -14.56 -19.41
C LEU D 71 -30.49 -15.35 -20.68
N GLN D 72 -29.97 -14.87 -21.80
CA GLN D 72 -30.10 -15.59 -23.07
C GLN D 72 -28.95 -15.20 -24.03
N ALA D 73 -28.40 -16.18 -24.72
CA ALA D 73 -27.10 -15.98 -25.38
C ALA D 73 -27.14 -14.90 -26.45
N SER D 74 -28.22 -14.87 -27.22
CA SER D 74 -28.30 -13.92 -28.30
C SER D 74 -28.68 -12.51 -27.83
N VAL D 75 -29.05 -12.35 -26.57
CA VAL D 75 -29.51 -11.04 -26.13
C VAL D 75 -28.88 -10.46 -24.86
N LEU D 76 -28.60 -11.28 -23.89
CA LEU D 76 -27.91 -10.87 -22.68
C LEU D 76 -27.17 -12.05 -22.06
N PRO D 77 -25.84 -12.11 -22.16
CA PRO D 77 -25.13 -13.31 -21.68
C PRO D 77 -24.71 -13.24 -20.24
N MET D 78 -24.85 -12.08 -19.60
CA MET D 78 -24.53 -11.99 -18.19
C MET D 78 -25.18 -10.83 -17.50
N VAL D 79 -25.10 -10.84 -16.17
CA VAL D 79 -25.56 -9.71 -15.42
C VAL D 79 -24.70 -9.55 -14.20
N SER D 80 -24.54 -8.31 -13.76
CA SER D 80 -23.72 -8.01 -12.59
C SER D 80 -24.56 -7.33 -11.51
N MET D 81 -24.86 -8.07 -10.45
CA MET D 81 -25.67 -7.54 -9.35
C MET D 81 -24.84 -7.36 -8.08
N VAL D 82 -23.71 -6.67 -8.21
CA VAL D 82 -22.85 -6.42 -7.06
C VAL D 82 -23.60 -5.67 -5.97
N GLY D 83 -23.57 -6.22 -4.75
CA GLY D 83 -24.25 -5.61 -3.64
C GLY D 83 -25.32 -6.53 -3.04
N VAL D 84 -25.69 -7.58 -3.75
CA VAL D 84 -26.60 -8.56 -3.16
C VAL D 84 -25.83 -9.36 -2.10
N GLN D 85 -26.42 -9.50 -0.90
CA GLN D 85 -25.75 -10.16 0.21
C GLN D 85 -26.74 -11.12 0.81
N LEU D 86 -26.46 -12.42 0.71
CA LEU D 86 -27.43 -13.45 1.03
C LEU D 86 -27.03 -14.16 2.33
N SER D 87 -28.01 -14.61 3.12
CA SER D 87 -27.63 -15.33 4.32
C SER D 87 -27.85 -16.82 4.08
N PRO D 88 -26.87 -17.63 4.47
CA PRO D 88 -26.82 -19.06 4.20
C PRO D 88 -27.74 -19.79 5.17
N PRO D 89 -28.25 -20.96 4.79
CA PRO D 89 -27.95 -21.61 3.50
C PRO D 89 -28.67 -20.91 2.35
N VAL D 90 -28.03 -20.89 1.19
CA VAL D 90 -28.70 -20.43 -0.03
C VAL D 90 -28.72 -21.55 -1.05
N THR D 91 -29.89 -21.88 -1.56
CA THR D 91 -29.94 -22.83 -2.66
C THR D 91 -30.28 -22.20 -4.01
N PHE D 92 -29.37 -22.30 -4.98
CA PHE D 92 -29.68 -21.75 -6.28
C PHE D 92 -30.20 -22.87 -7.10
N GLN D 93 -31.09 -22.55 -8.02
CA GLN D 93 -31.60 -23.56 -8.94
C GLN D 93 -31.65 -23.02 -10.35
N LEU D 94 -31.14 -23.80 -11.30
CA LEU D 94 -31.33 -23.47 -12.71
C LEU D 94 -32.72 -23.97 -13.12
N ARG D 95 -33.67 -23.04 -13.11
CA ARG D 95 -35.09 -23.34 -13.34
C ARG D 95 -35.41 -23.59 -14.80
N ALA D 96 -34.85 -22.80 -15.70
CA ALA D 96 -35.11 -22.96 -17.13
C ALA D 96 -33.74 -22.85 -17.83
N GLY D 97 -33.58 -23.57 -18.95
CA GLY D 97 -32.29 -23.64 -19.62
C GLY D 97 -31.40 -24.81 -19.20
N SER D 98 -30.47 -25.18 -20.09
CA SER D 98 -29.57 -26.32 -19.88
C SER D 98 -28.16 -25.94 -19.40
N GLY D 99 -27.82 -24.66 -19.52
CA GLY D 99 -26.52 -24.21 -19.04
C GLY D 99 -25.41 -24.57 -20.02
N PRO D 100 -24.16 -24.46 -19.58
CA PRO D 100 -23.84 -24.06 -18.20
C PRO D 100 -24.16 -22.58 -17.88
N VAL D 101 -24.52 -22.32 -16.62
CA VAL D 101 -24.65 -20.95 -16.12
C VAL D 101 -23.70 -20.91 -14.95
N PHE D 102 -22.89 -19.84 -14.89
CA PHE D 102 -21.95 -19.68 -13.82
C PHE D 102 -22.43 -18.69 -12.82
N LEU D 103 -21.96 -18.82 -11.58
CA LEU D 103 -22.23 -17.81 -10.57
C LEU D 103 -20.90 -17.47 -9.91
N SER D 104 -20.72 -16.21 -9.57
CA SER D 104 -19.54 -15.80 -8.84
C SER D 104 -19.93 -14.96 -7.66
N GLY D 105 -19.03 -14.90 -6.68
CA GLY D 105 -19.26 -14.02 -5.53
C GLY D 105 -18.21 -14.28 -4.49
N GLN D 106 -18.44 -13.81 -3.27
CA GLN D 106 -17.47 -14.00 -2.20
C GLN D 106 -18.20 -14.42 -0.93
N GLU D 107 -17.59 -15.36 -0.22
CA GLU D 107 -18.04 -15.73 1.12
C GLU D 107 -17.39 -14.75 2.07
N ARG D 108 -18.17 -14.13 2.96
CA ARG D 108 -17.59 -13.07 3.80
C ARG D 108 -17.54 -13.43 5.28
N THR E 3 -36.54 10.85 6.35
CA THR E 3 -37.76 10.83 5.55
C THR E 3 -37.48 10.68 4.06
N THR E 4 -38.01 9.62 3.46
CA THR E 4 -37.81 9.42 2.03
C THR E 4 -39.13 9.15 1.32
N VAL E 5 -39.26 9.77 0.16
CA VAL E 5 -40.48 9.61 -0.60
C VAL E 5 -40.16 9.25 -2.05
N LEU E 6 -40.98 8.37 -2.62
CA LEU E 6 -40.81 7.94 -4.00
C LEU E 6 -41.04 9.11 -4.96
N TRP E 7 -40.22 9.20 -6.00
CA TRP E 7 -40.36 10.30 -6.97
C TRP E 7 -40.34 9.71 -8.37
N GLY E 8 -41.13 10.29 -9.26
CA GLY E 8 -41.20 9.82 -10.64
C GLY E 8 -41.77 10.86 -11.58
N CYS E 9 -41.06 11.10 -12.69
CA CYS E 9 -41.51 12.06 -13.68
C CYS E 9 -41.49 11.46 -15.08
N GLU E 10 -42.28 12.04 -15.98
CA GLU E 10 -42.35 11.55 -17.35
C GLU E 10 -42.01 12.68 -18.32
N LEU E 11 -41.01 12.46 -19.19
CA LEU E 11 -40.59 13.49 -20.15
C LEU E 11 -41.01 13.11 -21.56
N SER E 12 -41.37 14.11 -22.35
CA SER E 12 -41.81 13.81 -23.70
C SER E 12 -41.73 15.11 -24.52
N GLN E 13 -42.07 15.04 -25.79
CA GLN E 13 -42.23 16.28 -26.59
C GLN E 13 -43.08 17.31 -25.85
N GLU E 14 -44.19 16.86 -25.28
CA GLU E 14 -45.07 17.74 -24.52
C GLU E 14 -44.29 18.44 -23.42
N ARG E 15 -43.80 17.66 -22.46
CA ARG E 15 -42.99 18.20 -21.38
C ARG E 15 -41.53 17.76 -21.53
N ARG E 16 -40.76 18.55 -22.26
CA ARG E 16 -39.38 18.22 -22.54
C ARG E 16 -38.40 18.81 -21.54
N THR E 17 -38.90 19.14 -20.35
CA THR E 17 -38.05 19.68 -19.30
C THR E 17 -38.81 19.70 -18.00
N TRP E 18 -38.16 19.25 -16.94
CA TRP E 18 -38.72 19.33 -15.60
C TRP E 18 -37.65 19.71 -14.59
N THR E 19 -37.99 20.63 -13.70
CA THR E 19 -37.09 21.02 -12.63
C THR E 19 -37.60 20.62 -11.25
N PHE E 20 -36.83 19.78 -10.56
CA PHE E 20 -37.07 19.47 -9.16
C PHE E 20 -36.46 20.56 -8.26
N ARG E 21 -37.34 21.30 -7.56
CA ARG E 21 -36.87 22.38 -6.67
C ARG E 21 -36.94 22.03 -5.18
N PRO E 22 -36.11 22.69 -4.37
CA PRO E 22 -36.11 22.48 -2.92
C PRO E 22 -37.47 22.72 -2.27
N GLN E 28 -33.28 21.84 6.10
CA GLN E 28 -31.89 21.99 5.68
C GLN E 28 -31.58 21.25 4.37
N SER E 29 -31.78 19.94 4.33
CA SER E 29 -31.20 19.16 3.21
C SER E 29 -32.16 18.26 2.45
N CYS E 30 -31.75 17.93 1.23
CA CYS E 30 -32.52 17.10 0.30
C CYS E 30 -31.61 16.63 -0.82
N ARG E 31 -31.68 15.35 -1.14
CA ARG E 31 -30.99 14.79 -2.30
C ARG E 31 -32.00 14.04 -3.18
N LEU E 32 -31.93 14.24 -4.49
CA LEU E 32 -32.75 13.44 -5.37
C LEU E 32 -31.92 12.19 -5.62
N LEU E 33 -32.36 11.05 -5.11
CA LEU E 33 -31.67 9.81 -5.46
C LEU E 33 -32.26 9.34 -6.80
N LEU E 34 -31.43 9.29 -7.84
CA LEU E 34 -31.89 8.95 -9.18
C LEU E 34 -31.69 7.47 -9.48
N HIS E 35 -32.78 6.70 -9.59
CA HIS E 35 -32.68 5.23 -9.74
C HIS E 35 -32.71 4.66 -11.16
N THR E 36 -33.79 4.90 -11.89
CA THR E 36 -33.85 4.32 -13.22
C THR E 36 -34.41 5.31 -14.21
N ILE E 37 -34.11 5.06 -15.47
CA ILE E 37 -34.69 5.86 -16.58
C ILE E 37 -35.09 4.80 -17.61
N CYS E 38 -36.35 4.87 -18.04
CA CYS E 38 -36.97 3.79 -18.82
C CYS E 38 -37.79 4.37 -19.96
N LEU E 39 -37.69 3.78 -21.14
CA LEU E 39 -38.57 4.23 -22.24
C LEU E 39 -39.96 3.66 -22.05
N GLY E 40 -41.00 4.42 -22.41
CA GLY E 40 -42.36 3.90 -22.41
C GLY E 40 -42.55 3.01 -23.61
N GLU E 41 -43.49 2.09 -23.50
CA GLU E 41 -43.82 1.20 -24.61
C GLU E 41 -44.36 2.00 -25.78
N LYS E 42 -44.80 3.22 -25.52
CA LYS E 42 -45.28 4.08 -26.61
C LYS E 42 -44.19 4.91 -27.27
N ALA E 43 -42.94 4.82 -26.78
CA ALA E 43 -41.85 5.59 -27.40
C ALA E 43 -41.57 4.97 -28.76
N LYS E 44 -41.32 5.81 -29.76
CA LYS E 44 -41.00 5.26 -31.09
C LYS E 44 -39.51 4.90 -31.14
N GLU E 45 -38.96 4.75 -32.33
CA GLU E 45 -37.72 4.05 -32.53
C GLU E 45 -36.42 4.86 -32.39
N GLU E 46 -36.54 6.18 -32.29
CA GLU E 46 -35.39 7.07 -32.28
C GLU E 46 -34.54 6.92 -31.03
N MET E 47 -33.27 7.25 -31.12
CA MET E 47 -32.49 7.36 -29.88
C MET E 47 -32.98 8.49 -28.97
N HIS E 48 -32.98 8.23 -27.67
CA HIS E 48 -33.40 9.22 -26.69
C HIS E 48 -32.18 9.59 -25.88
N ARG E 49 -32.04 10.86 -25.58
CA ARG E 49 -30.95 11.30 -24.75
C ARG E 49 -31.43 12.29 -23.74
N VAL E 50 -31.01 12.08 -22.50
CA VAL E 50 -31.55 12.87 -21.40
C VAL E 50 -30.40 13.60 -20.78
N GLU E 51 -30.57 14.91 -20.57
CA GLU E 51 -29.54 15.74 -19.96
C GLU E 51 -30.00 16.31 -18.65
N ILE E 52 -29.03 16.78 -17.87
CA ILE E 52 -29.27 17.69 -16.76
C ILE E 52 -28.71 19.07 -17.15
N LEU E 53 -29.57 20.10 -17.04
CA LEU E 53 -29.22 21.47 -17.44
C LEU E 53 -28.82 22.26 -16.22
N PRO E 54 -27.72 23.04 -16.33
CA PRO E 54 -27.19 23.84 -15.21
C PRO E 54 -28.27 24.75 -14.67
N PRO E 55 -28.33 24.92 -13.34
CA PRO E 55 -29.45 25.69 -12.78
C PRO E 55 -29.38 27.17 -13.21
N MET E 63 -21.38 26.77 -18.04
CA MET E 63 -21.57 25.33 -17.88
C MET E 63 -22.51 24.79 -18.97
N GLN E 64 -22.08 23.74 -19.64
CA GLN E 64 -22.90 23.09 -20.65
C GLN E 64 -23.79 21.99 -20.00
N PRO E 65 -24.81 21.53 -20.74
CA PRO E 65 -25.64 20.44 -20.18
C PRO E 65 -24.80 19.19 -20.03
N VAL E 66 -25.20 18.33 -19.10
CA VAL E 66 -24.53 17.08 -18.89
C VAL E 66 -25.44 15.92 -19.35
N THR E 67 -24.89 14.98 -20.12
CA THR E 67 -25.71 13.91 -20.64
C THR E 67 -25.65 12.78 -19.62
N ILE E 68 -26.83 12.30 -19.19
CA ILE E 68 -26.90 11.22 -18.23
C ILE E 68 -27.41 9.89 -18.77
N ALA E 69 -28.15 9.88 -19.87
CA ALA E 69 -28.54 8.59 -20.40
C ALA E 69 -28.77 8.70 -21.88
N SER E 70 -28.51 7.60 -22.56
CA SER E 70 -28.90 7.44 -23.97
C SER E 70 -29.59 6.09 -24.04
N LEU E 71 -30.81 6.05 -24.59
CA LEU E 71 -31.60 4.82 -24.64
C LEU E 71 -32.21 4.68 -26.01
N GLN E 72 -32.52 3.45 -26.40
CA GLN E 72 -33.24 3.22 -27.64
C GLN E 72 -34.07 1.94 -27.56
N ALA E 73 -35.35 2.03 -27.93
CA ALA E 73 -36.27 0.92 -27.71
C ALA E 73 -35.78 -0.41 -28.23
N SER E 74 -35.23 -0.41 -29.42
CA SER E 74 -34.85 -1.68 -30.01
C SER E 74 -33.44 -2.11 -29.57
N VAL E 75 -32.84 -1.36 -28.66
CA VAL E 75 -31.45 -1.64 -28.24
C VAL E 75 -31.27 -1.74 -26.75
N LEU E 76 -31.73 -0.72 -26.03
CA LEU E 76 -31.56 -0.65 -24.58
C LEU E 76 -32.71 0.23 -24.08
N PRO E 77 -33.76 -0.39 -23.54
CA PRO E 77 -34.97 0.38 -23.18
C PRO E 77 -34.87 1.01 -21.77
N MET E 78 -33.85 0.68 -20.97
CA MET E 78 -33.78 1.32 -19.68
C MET E 78 -32.38 1.16 -19.15
N VAL E 79 -32.10 1.92 -18.10
CA VAL E 79 -30.86 1.82 -17.40
C VAL E 79 -31.07 2.12 -15.93
N SER E 80 -30.27 1.45 -15.12
CA SER E 80 -30.24 1.68 -13.71
C SER E 80 -29.03 2.50 -13.34
N MET E 81 -29.23 3.52 -12.52
CA MET E 81 -28.07 4.26 -12.05
C MET E 81 -28.18 4.53 -10.56
N VAL E 82 -28.65 3.53 -9.85
CA VAL E 82 -28.77 3.57 -8.41
C VAL E 82 -27.45 3.99 -7.81
N GLY E 83 -27.48 4.98 -6.95
CA GLY E 83 -26.29 5.48 -6.30
C GLY E 83 -26.05 6.94 -6.65
N VAL E 84 -26.61 7.38 -7.77
CA VAL E 84 -26.50 8.81 -8.11
C VAL E 84 -27.38 9.64 -7.16
N GLN E 85 -26.75 10.58 -6.48
CA GLN E 85 -27.45 11.50 -5.58
C GLN E 85 -27.22 12.96 -6.05
N LEU E 86 -28.29 13.57 -6.54
CA LEU E 86 -28.26 14.92 -7.08
C LEU E 86 -28.67 15.97 -6.05
N SER E 87 -27.98 17.11 -6.07
CA SER E 87 -28.38 18.24 -5.23
C SER E 87 -29.29 19.19 -6.02
N PRO E 88 -30.47 19.48 -5.48
CA PRO E 88 -31.43 20.39 -6.11
C PRO E 88 -30.88 21.82 -6.09
N PRO E 89 -31.31 22.67 -7.03
CA PRO E 89 -32.25 22.41 -8.12
C PRO E 89 -31.64 21.51 -9.18
N VAL E 90 -32.46 20.63 -9.75
CA VAL E 90 -32.04 19.76 -10.84
C VAL E 90 -33.06 19.85 -11.97
N THR E 91 -32.60 20.27 -13.14
CA THR E 91 -33.46 20.35 -14.29
C THR E 91 -33.14 19.24 -15.25
N PHE E 92 -34.12 18.38 -15.52
CA PHE E 92 -33.90 17.32 -16.51
C PHE E 92 -34.41 17.79 -17.83
N GLN E 93 -33.72 17.42 -18.89
CA GLN E 93 -34.21 17.75 -20.24
C GLN E 93 -34.16 16.56 -21.18
N LEU E 94 -35.23 16.30 -21.89
CA LEU E 94 -35.17 15.33 -22.96
C LEU E 94 -34.57 16.01 -24.20
N ARG E 95 -33.27 15.80 -24.40
CA ARG E 95 -32.50 16.53 -25.44
C ARG E 95 -32.77 15.99 -26.85
N ALA E 96 -32.88 14.69 -26.97
CA ALA E 96 -33.18 14.03 -28.24
C ALA E 96 -34.22 12.99 -27.99
N GLY E 97 -35.16 12.84 -28.93
CA GLY E 97 -36.21 11.83 -28.80
C GLY E 97 -37.57 12.41 -28.40
N SER E 98 -38.64 11.75 -28.82
CA SER E 98 -39.96 12.26 -28.43
C SER E 98 -40.56 11.65 -27.16
N GLY E 99 -40.00 10.57 -26.66
CA GLY E 99 -40.54 9.90 -25.47
C GLY E 99 -41.82 9.08 -25.70
N PRO E 100 -42.55 8.76 -24.61
CA PRO E 100 -42.26 9.20 -23.24
C PRO E 100 -41.00 8.50 -22.71
N VAL E 101 -40.31 9.18 -21.82
CA VAL E 101 -39.23 8.55 -21.08
C VAL E 101 -39.51 8.82 -19.64
N PHE E 102 -39.38 7.80 -18.80
CA PHE E 102 -39.73 7.91 -17.38
C PHE E 102 -38.46 7.97 -16.56
N LEU E 103 -38.47 8.76 -15.50
CA LEU E 103 -37.40 8.77 -14.52
C LEU E 103 -37.96 8.33 -13.16
N SER E 104 -37.23 7.52 -12.41
CA SER E 104 -37.66 7.15 -11.06
C SER E 104 -36.56 7.42 -10.08
N GLY E 105 -36.95 7.70 -8.85
CA GLY E 105 -36.00 7.91 -7.78
C GLY E 105 -36.67 8.07 -6.43
N GLN E 106 -35.94 8.64 -5.48
CA GLN E 106 -36.52 8.97 -4.18
C GLN E 106 -35.98 10.31 -3.70
N GLU E 107 -36.84 11.08 -3.05
CA GLU E 107 -36.41 12.31 -2.40
C GLU E 107 -35.96 11.90 -1.01
N ARG E 108 -34.74 12.27 -0.64
CA ARG E 108 -34.25 11.92 0.69
C ARG E 108 -33.98 13.14 1.54
N TYR E 109 -34.55 13.14 2.74
CA TYR E 109 -34.34 14.13 3.80
C TYR E 109 -35.15 15.38 3.50
N THR F 3 40.68 -8.68 -6.48
CA THR F 3 39.48 -7.85 -6.52
C THR F 3 39.12 -7.19 -5.17
N THR F 4 39.16 -7.94 -4.07
CA THR F 4 39.00 -7.35 -2.73
C THR F 4 40.06 -7.81 -1.72
N VAL F 5 40.93 -6.89 -1.32
CA VAL F 5 41.96 -7.18 -0.35
C VAL F 5 41.67 -6.41 0.97
N LEU F 6 41.86 -7.08 2.10
CA LEU F 6 41.75 -6.36 3.35
C LEU F 6 42.82 -5.30 3.46
N TRP F 7 42.49 -4.21 4.13
CA TRP F 7 43.41 -3.10 4.25
C TRP F 7 43.35 -2.60 5.69
N GLY F 8 44.44 -2.08 6.21
CA GLY F 8 44.41 -1.36 7.48
C GLY F 8 45.64 -0.48 7.67
N CYS F 9 45.54 0.51 8.56
CA CYS F 9 46.71 1.31 8.93
C CYS F 9 46.61 1.73 10.39
N GLU F 10 47.72 2.16 10.91
CA GLU F 10 47.81 2.60 12.28
C GLU F 10 48.31 4.03 12.25
N LEU F 11 47.65 4.94 12.95
CA LEU F 11 48.11 6.33 13.03
C LEU F 11 48.49 6.61 14.46
N SER F 12 49.50 7.44 14.66
CA SER F 12 49.96 7.82 15.99
C SER F 12 50.59 9.22 15.92
N GLN F 13 50.93 9.81 17.06
CA GLN F 13 51.58 11.10 17.02
C GLN F 13 52.97 10.94 16.37
N GLU F 14 53.57 9.76 16.50
CA GLU F 14 54.87 9.54 15.85
C GLU F 14 54.72 9.45 14.30
N ARG F 15 53.63 8.82 13.85
CA ARG F 15 53.34 8.62 12.46
C ARG F 15 51.90 9.08 12.18
N ARG F 16 51.69 10.38 11.97
CA ARG F 16 50.36 10.96 11.96
C ARG F 16 49.59 10.75 10.67
N THR F 17 50.28 10.39 9.59
CA THR F 17 49.61 10.38 8.31
C THR F 17 49.79 9.03 7.63
N TRP F 18 48.85 8.67 6.78
CA TRP F 18 48.97 7.46 5.99
C TRP F 18 48.20 7.70 4.70
N THR F 19 48.79 7.30 3.59
CA THR F 19 48.18 7.55 2.27
C THR F 19 47.97 6.26 1.49
N PHE F 20 46.74 6.04 1.02
CA PHE F 20 46.49 4.90 0.18
C PHE F 20 46.47 5.41 -1.26
N ARG F 21 47.34 4.83 -2.09
CA ARG F 21 47.54 5.41 -3.42
C ARG F 21 48.09 4.38 -4.39
N PRO F 22 47.21 3.47 -4.86
CA PRO F 22 47.57 2.25 -5.58
C PRO F 22 48.12 2.49 -7.00
N SER F 29 39.17 1.09 -12.19
CA SER F 29 38.66 1.75 -10.98
C SER F 29 38.96 0.95 -9.70
N CYS F 30 39.38 1.66 -8.65
CA CYS F 30 39.64 1.11 -7.33
C CYS F 30 38.92 2.02 -6.35
N ARG F 31 38.44 1.42 -5.26
CA ARG F 31 37.86 2.17 -4.17
C ARG F 31 38.35 1.58 -2.85
N LEU F 32 38.49 2.45 -1.86
CA LEU F 32 38.81 2.04 -0.51
C LEU F 32 37.46 2.02 0.30
N LEU F 33 36.96 0.82 0.64
CA LEU F 33 35.78 0.71 1.52
C LEU F 33 36.28 0.84 2.94
N LEU F 34 35.79 1.85 3.65
CA LEU F 34 36.27 2.17 5.00
C LEU F 34 35.32 1.61 6.01
N HIS F 35 35.75 0.62 6.81
CA HIS F 35 34.86 -0.06 7.76
C HIS F 35 34.87 0.48 9.19
N THR F 36 36.01 0.34 9.88
CA THR F 36 36.03 0.81 11.26
C THR F 36 37.27 1.63 11.59
N ILE F 37 37.15 2.43 12.63
CA ILE F 37 38.26 3.19 13.17
C ILE F 37 38.20 2.94 14.67
N CYS F 38 39.32 2.58 15.26
CA CYS F 38 39.34 2.07 16.62
C CYS F 38 40.54 2.60 17.39
N LEU F 39 40.37 2.94 18.66
CA LEU F 39 41.52 3.34 19.45
C LEU F 39 42.27 2.08 19.93
N GLY F 40 43.60 2.14 19.98
CA GLY F 40 44.36 1.09 20.64
C GLY F 40 44.31 1.16 22.17
N GLU F 41 44.44 0.00 22.78
CA GLU F 41 44.49 -0.11 24.24
C GLU F 41 45.61 0.72 24.87
N LYS F 42 46.64 1.03 24.10
CA LYS F 42 47.67 1.92 24.61
C LYS F 42 47.42 3.41 24.40
N ALA F 43 46.33 3.78 23.73
CA ALA F 43 46.11 5.20 23.49
C ALA F 43 45.83 5.85 24.84
N LYS F 44 46.23 7.10 25.02
CA LYS F 44 45.94 7.80 26.27
C LYS F 44 44.55 8.39 26.21
N GLU F 45 44.21 9.18 27.22
CA GLU F 45 42.81 9.48 27.53
C GLU F 45 42.22 10.65 26.74
N GLU F 46 43.06 11.37 26.00
CA GLU F 46 42.56 12.55 25.34
C GLU F 46 41.65 12.20 24.15
N MET F 47 40.83 13.17 23.71
CA MET F 47 40.08 13.02 22.42
C MET F 47 40.99 12.88 21.22
N HIS F 48 40.59 12.00 20.30
CA HIS F 48 41.30 11.76 19.04
C HIS F 48 40.39 12.18 17.93
N ARG F 49 40.98 12.77 16.88
CA ARG F 49 40.22 13.19 15.73
C ARG F 49 40.98 12.83 14.47
N VAL F 50 40.32 12.17 13.53
CA VAL F 50 40.97 11.70 12.33
C VAL F 50 40.32 12.48 11.20
N GLU F 51 41.15 13.05 10.32
CA GLU F 51 40.66 13.78 9.18
C GLU F 51 41.17 13.16 7.90
N ILE F 52 40.59 13.56 6.78
CA ILE F 52 41.06 13.10 5.49
C ILE F 52 41.55 14.37 4.78
N LEU F 53 42.78 14.34 4.31
CA LEU F 53 43.40 15.54 3.77
C LEU F 53 43.23 15.54 2.29
N PRO F 54 43.10 16.73 1.72
CA PRO F 54 43.20 16.98 0.26
C PRO F 54 44.64 16.72 -0.23
N PRO F 55 44.86 16.65 -1.54
CA PRO F 55 43.80 16.76 -2.56
C PRO F 55 43.34 15.36 -2.94
N GLN F 64 40.40 23.07 4.84
CA GLN F 64 39.45 22.21 4.14
C GLN F 64 39.69 20.67 4.28
N PRO F 65 40.52 20.24 5.24
CA PRO F 65 40.55 18.78 5.56
C PRO F 65 39.18 18.33 6.03
N VAL F 66 38.80 17.08 5.81
CA VAL F 66 37.47 16.62 6.26
C VAL F 66 37.59 15.75 7.52
N THR F 67 36.96 16.16 8.59
CA THR F 67 36.90 15.30 9.80
C THR F 67 35.96 14.11 9.64
N ILE F 68 36.51 12.90 9.78
CA ILE F 68 35.65 11.69 9.69
C ILE F 68 35.40 11.00 11.01
N ALA F 69 36.27 11.18 12.00
CA ALA F 69 35.93 10.55 13.30
C ALA F 69 36.46 11.30 14.52
N SER F 70 35.68 11.27 15.61
CA SER F 70 36.12 11.71 16.96
C SER F 70 35.90 10.59 17.96
N LEU F 71 36.96 10.16 18.65
CA LEU F 71 36.88 8.98 19.55
C LEU F 71 37.64 9.32 20.83
N GLN F 72 37.31 8.64 21.93
CA GLN F 72 38.02 8.88 23.18
C GLN F 72 37.88 7.60 24.00
N ALA F 73 38.99 7.15 24.56
CA ALA F 73 39.01 5.88 25.25
C ALA F 73 37.89 5.65 26.28
N SER F 74 37.70 6.59 27.17
CA SER F 74 36.74 6.41 28.24
C SER F 74 35.27 6.68 27.81
N VAL F 75 35.05 7.02 26.55
CA VAL F 75 33.71 7.42 26.09
C VAL F 75 33.18 6.63 24.88
N LEU F 76 34.03 6.51 23.85
CA LEU F 76 33.67 5.85 22.58
C LEU F 76 34.94 5.41 21.93
N PRO F 77 35.28 4.13 22.07
CA PRO F 77 36.64 3.73 21.65
C PRO F 77 36.71 3.32 20.16
N MET F 78 35.57 3.23 19.50
CA MET F 78 35.59 2.88 18.08
C MET F 78 34.29 3.34 17.39
N VAL F 79 34.30 3.27 16.06
CA VAL F 79 33.12 3.58 15.27
C VAL F 79 33.12 2.74 14.01
N SER F 80 31.93 2.40 13.53
CA SER F 80 31.77 1.71 12.28
C SER F 80 31.21 2.74 11.30
N MET F 81 31.74 2.74 10.09
CA MET F 81 31.19 3.58 9.04
C MET F 81 31.17 2.76 7.76
N VAL F 82 30.76 1.52 7.94
CA VAL F 82 30.65 0.57 6.85
C VAL F 82 29.68 1.18 5.82
N GLY F 83 30.07 1.17 4.56
CA GLY F 83 29.26 1.75 3.51
C GLY F 83 30.00 2.89 2.87
N VAL F 84 30.96 3.46 3.58
CA VAL F 84 31.76 4.53 2.97
C VAL F 84 32.77 3.99 1.96
N GLN F 85 32.77 4.56 0.76
CA GLN F 85 33.67 4.09 -0.30
C GLN F 85 34.44 5.27 -0.89
N LEU F 86 35.75 5.32 -0.69
CA LEU F 86 36.54 6.51 -1.05
C LEU F 86 37.33 6.28 -2.34
N SER F 87 37.40 7.32 -3.19
CA SER F 87 38.28 7.31 -4.37
C SER F 87 39.70 7.74 -4.01
N PRO F 88 40.67 6.95 -4.41
CA PRO F 88 42.09 7.21 -4.15
C PRO F 88 42.53 8.43 -4.94
N PRO F 89 43.63 9.07 -4.53
CA PRO F 89 44.40 8.68 -3.34
C PRO F 89 43.68 9.19 -2.10
N VAL F 90 43.86 8.54 -0.95
CA VAL F 90 43.24 9.05 0.28
C VAL F 90 44.33 9.23 1.31
N THR F 91 44.41 10.41 1.91
CA THR F 91 45.35 10.64 3.00
C THR F 91 44.61 10.85 4.31
N PHE F 92 44.86 9.95 5.27
CA PHE F 92 44.30 10.08 6.61
C PHE F 92 45.32 10.81 7.48
N GLN F 93 44.83 11.68 8.35
CA GLN F 93 45.72 12.29 9.32
C GLN F 93 45.12 12.24 10.71
N LEU F 94 45.96 11.91 11.70
CA LEU F 94 45.54 12.00 13.08
C LEU F 94 45.74 13.46 13.49
N ARG F 95 44.64 14.18 13.45
CA ARG F 95 44.61 15.61 13.71
C ARG F 95 44.79 15.94 15.21
N ALA F 96 44.23 15.10 16.10
CA ALA F 96 44.35 15.31 17.53
C ALA F 96 44.40 13.95 18.21
N GLY F 97 45.13 13.83 19.34
CA GLY F 97 45.32 12.55 20.01
C GLY F 97 46.71 11.90 19.77
N SER F 98 47.17 11.11 20.75
CA SER F 98 48.48 10.37 20.69
C SER F 98 48.43 9.12 19.82
N GLY F 99 47.25 8.48 19.80
CA GLY F 99 47.11 7.19 19.18
C GLY F 99 47.69 6.12 20.12
N PRO F 100 47.85 4.89 19.62
CA PRO F 100 47.51 4.50 18.26
C PRO F 100 45.99 4.57 17.93
N VAL F 101 45.71 4.88 16.68
CA VAL F 101 44.34 4.73 16.17
C VAL F 101 44.46 3.84 14.93
N PHE F 102 43.61 2.83 14.82
CA PHE F 102 43.62 1.95 13.69
C PHE F 102 42.48 2.26 12.74
N LEU F 103 42.68 2.00 11.46
CA LEU F 103 41.59 2.04 10.49
C LEU F 103 41.63 0.74 9.76
N SER F 104 40.47 0.28 9.31
CA SER F 104 40.37 -0.96 8.61
C SER F 104 39.35 -0.76 7.49
N GLY F 105 39.48 -1.62 6.50
CA GLY F 105 38.59 -1.62 5.37
C GLY F 105 39.04 -2.61 4.30
N GLN F 106 38.62 -2.41 3.05
CA GLN F 106 38.96 -3.33 1.98
C GLN F 106 39.21 -2.49 0.74
N GLU F 107 40.24 -2.85 -0.01
CA GLU F 107 40.45 -2.29 -1.31
C GLU F 107 39.62 -3.14 -2.26
N ARG F 108 38.86 -2.48 -3.12
CA ARG F 108 38.04 -3.16 -4.14
C ARG F 108 38.41 -2.61 -5.52
N TYR F 109 38.87 -3.48 -6.41
CA TYR F 109 39.03 -3.04 -7.80
C TYR F 109 38.36 -3.96 -8.84
N THR G 3 22.19 -20.59 -0.31
CA THR G 3 21.56 -20.35 0.98
C THR G 3 22.45 -19.56 1.95
N THR G 4 21.94 -19.32 3.17
CA THR G 4 22.69 -18.57 4.19
C THR G 4 22.54 -19.19 5.57
N VAL G 5 23.65 -19.52 6.22
CA VAL G 5 23.57 -20.08 7.56
C VAL G 5 24.17 -19.13 8.61
N LEU G 6 23.57 -19.09 9.79
CA LEU G 6 24.13 -18.31 10.88
C LEU G 6 25.50 -18.83 11.34
N TRP G 7 26.37 -17.92 11.76
CA TRP G 7 27.75 -18.21 12.14
C TRP G 7 28.13 -17.44 13.40
N GLY G 8 29.03 -17.98 14.20
CA GLY G 8 29.46 -17.28 15.40
C GLY G 8 30.76 -17.86 15.93
N CYS G 9 31.47 -17.12 16.78
CA CYS G 9 32.60 -17.68 17.45
C CYS G 9 32.91 -16.93 18.72
N GLU G 10 33.77 -17.51 19.53
CA GLU G 10 34.17 -16.93 20.79
C GLU G 10 35.71 -16.93 20.82
N LEU G 11 36.30 -15.79 21.17
CA LEU G 11 37.74 -15.64 21.31
C LEU G 11 38.05 -15.31 22.75
N SER G 12 39.24 -15.65 23.24
CA SER G 12 39.53 -15.40 24.64
C SER G 12 41.03 -15.71 24.85
N GLN G 13 41.53 -15.52 26.06
CA GLN G 13 42.96 -15.78 26.25
C GLN G 13 43.22 -17.28 26.08
N GLU G 14 42.18 -18.10 26.27
CA GLU G 14 42.29 -19.55 26.10
C GLU G 14 42.22 -20.04 24.65
N ARG G 15 41.59 -19.23 23.78
CA ARG G 15 41.41 -19.50 22.35
C ARG G 15 41.49 -18.16 21.60
N ARG G 16 42.70 -17.80 21.19
CA ARG G 16 42.97 -16.45 20.76
C ARG G 16 42.53 -16.18 19.36
N THR G 17 42.39 -17.23 18.57
CA THR G 17 42.05 -17.06 17.15
C THR G 17 40.96 -18.05 16.77
N TRP G 18 40.26 -17.75 15.69
CA TRP G 18 39.27 -18.64 15.11
C TRP G 18 39.31 -18.39 13.63
N THR G 19 39.26 -19.45 12.84
CA THR G 19 39.39 -19.31 11.40
C THR G 19 38.12 -19.84 10.72
N PHE G 20 37.57 -19.08 9.80
CA PHE G 20 36.44 -19.54 9.02
C PHE G 20 36.99 -19.96 7.67
N ARG G 21 36.87 -21.25 7.35
CA ARG G 21 37.64 -21.80 6.26
C ARG G 21 36.82 -22.82 5.49
N PRO G 22 35.64 -22.41 5.00
CA PRO G 22 34.73 -23.37 4.36
C PRO G 22 35.38 -24.09 3.16
N SER G 29 32.65 -17.97 -4.00
CA SER G 29 31.27 -18.46 -3.97
C SER G 29 30.78 -18.46 -2.53
N CYS G 30 31.63 -18.02 -1.61
CA CYS G 30 31.23 -17.84 -0.23
C CYS G 30 31.70 -16.50 0.32
N ARG G 31 30.84 -15.87 1.12
CA ARG G 31 31.21 -14.68 1.87
C ARG G 31 30.81 -14.82 3.33
N LEU G 32 31.64 -14.31 4.24
CA LEU G 32 31.28 -14.20 5.64
C LEU G 32 30.76 -12.78 5.87
N LEU G 33 29.49 -12.66 6.21
CA LEU G 33 28.87 -11.37 6.48
C LEU G 33 28.99 -11.15 7.97
N LEU G 34 29.78 -10.17 8.37
CA LEU G 34 30.16 -9.95 9.75
C LEU G 34 29.26 -8.98 10.39
N HIS G 35 28.41 -9.43 11.33
CA HIS G 35 27.37 -8.60 11.94
C HIS G 35 27.69 -7.83 13.22
N THR G 36 27.93 -8.53 14.33
CA THR G 36 28.21 -7.86 15.59
C THR G 36 29.43 -8.50 16.30
N ILE G 37 30.03 -7.72 17.19
CA ILE G 37 31.13 -8.20 18.01
C ILE G 37 30.78 -7.75 19.39
N CYS G 38 30.72 -8.67 20.34
CA CYS G 38 30.13 -8.38 21.67
C CYS G 38 30.99 -8.92 22.81
N LEU G 39 31.16 -8.16 23.88
CA LEU G 39 31.89 -8.69 25.04
C LEU G 39 30.97 -9.59 25.86
N GLY G 40 31.52 -10.65 26.43
CA GLY G 40 30.72 -11.45 27.33
C GLY G 40 30.62 -10.79 28.68
N GLU G 41 29.53 -11.10 29.37
CA GLU G 41 29.33 -10.64 30.74
C GLU G 41 30.43 -11.13 31.66
N LYS G 42 31.13 -12.19 31.27
CA LYS G 42 32.23 -12.63 32.09
C LYS G 42 33.63 -12.02 31.77
N ALA G 43 33.73 -11.23 30.71
CA ALA G 43 34.98 -10.53 30.48
C ALA G 43 35.20 -9.52 31.60
N LYS G 44 36.46 -9.32 31.99
CA LYS G 44 36.79 -8.28 32.96
C LYS G 44 37.01 -6.93 32.27
N GLU G 45 37.55 -5.98 33.01
CA GLU G 45 37.40 -4.57 32.66
C GLU G 45 38.33 -4.01 31.59
N GLU G 46 39.38 -4.72 31.20
CA GLU G 46 40.38 -4.15 30.26
C GLU G 46 39.83 -3.91 28.83
N MET G 47 40.46 -3.02 28.05
CA MET G 47 40.08 -2.89 26.65
C MET G 47 40.38 -4.17 25.88
N HIS G 48 39.48 -4.54 24.98
CA HIS G 48 39.64 -5.70 24.10
C HIS G 48 39.81 -5.20 22.71
N ARG G 49 40.72 -5.83 21.97
CA ARG G 49 40.95 -5.44 20.57
C ARG G 49 40.96 -6.67 19.68
N VAL G 50 40.16 -6.63 18.64
CA VAL G 50 40.02 -7.74 17.71
C VAL G 50 40.61 -7.39 16.34
N GLU G 51 41.38 -8.33 15.80
CA GLU G 51 42.05 -8.17 14.54
C GLU G 51 41.60 -9.23 13.59
N ILE G 52 41.81 -8.96 12.30
CA ILE G 52 41.84 -10.01 11.30
C ILE G 52 43.32 -10.21 10.87
N LEU G 53 43.74 -11.45 10.81
CA LEU G 53 45.09 -11.74 10.34
C LEU G 53 45.11 -12.11 8.88
N PRO G 54 46.11 -11.60 8.14
CA PRO G 54 46.41 -12.15 6.81
C PRO G 54 46.73 -13.65 6.98
N PRO G 55 46.53 -14.45 5.92
CA PRO G 55 46.08 -14.07 4.58
C PRO G 55 44.68 -14.60 4.29
N PRO G 65 48.36 -7.49 10.63
CA PRO G 65 46.96 -7.72 11.02
C PRO G 65 46.17 -6.43 10.89
N VAL G 66 44.86 -6.53 10.70
CA VAL G 66 44.02 -5.34 10.58
C VAL G 66 43.09 -5.34 11.81
N THR G 67 43.03 -4.22 12.51
CA THR G 67 42.22 -4.13 13.73
C THR G 67 40.78 -3.79 13.28
N ILE G 68 39.80 -4.59 13.72
CA ILE G 68 38.39 -4.37 13.38
C ILE G 68 37.48 -3.86 14.50
N ALA G 69 37.88 -4.02 15.75
CA ALA G 69 37.05 -3.54 16.84
C ALA G 69 37.88 -3.35 18.09
N SER G 70 37.52 -2.31 18.82
CA SER G 70 37.97 -2.07 20.18
C SER G 70 36.73 -1.88 21.08
N LEU G 71 36.67 -2.66 22.13
CA LEU G 71 35.49 -2.76 23.02
C LEU G 71 35.94 -2.72 24.45
N GLN G 72 35.11 -2.21 25.33
CA GLN G 72 35.42 -2.26 26.75
C GLN G 72 34.13 -2.25 27.56
N ALA G 73 34.07 -3.11 28.57
CA ALA G 73 32.80 -3.39 29.22
C ALA G 73 32.12 -2.17 29.83
N SER G 74 32.89 -1.32 30.47
CA SER G 74 32.30 -0.13 31.10
C SER G 74 32.13 1.05 30.14
N VAL G 75 32.41 0.86 28.85
CA VAL G 75 32.40 1.99 27.90
C VAL G 75 31.59 1.66 26.66
N LEU G 76 31.86 0.50 26.07
CA LEU G 76 31.20 0.08 24.82
C LEU G 76 31.32 -1.43 24.72
N PRO G 77 30.26 -2.15 25.14
CA PRO G 77 30.32 -3.63 25.25
C PRO G 77 30.08 -4.34 23.92
N MET G 78 29.59 -3.64 22.89
CA MET G 78 29.43 -4.26 21.58
C MET G 78 29.43 -3.20 20.45
N VAL G 79 29.51 -3.71 19.23
CA VAL G 79 29.43 -2.88 18.04
C VAL G 79 28.80 -3.68 16.91
N SER G 80 28.06 -2.97 16.07
CA SER G 80 27.51 -3.54 14.88
C SER G 80 28.36 -3.15 13.69
N MET G 81 28.71 -4.08 12.83
CA MET G 81 29.35 -3.71 11.58
C MET G 81 28.70 -4.42 10.39
N VAL G 82 27.37 -4.49 10.45
CA VAL G 82 26.59 -5.06 9.36
C VAL G 82 26.97 -4.40 8.05
N GLY G 83 27.19 -5.19 7.00
CA GLY G 83 27.63 -4.65 5.71
C GLY G 83 29.02 -5.15 5.36
N VAL G 84 29.80 -5.50 6.37
CA VAL G 84 31.15 -6.04 6.09
C VAL G 84 31.01 -7.43 5.55
N GLN G 85 31.65 -7.69 4.41
CA GLN G 85 31.66 -9.00 3.76
C GLN G 85 33.12 -9.47 3.53
N LEU G 86 33.49 -10.61 4.12
CA LEU G 86 34.86 -11.10 4.08
C LEU G 86 34.95 -12.32 3.17
N SER G 87 36.03 -12.39 2.39
CA SER G 87 36.27 -13.58 1.57
C SER G 87 37.08 -14.60 2.37
N PRO G 88 36.62 -15.84 2.42
CA PRO G 88 37.40 -16.81 3.19
C PRO G 88 38.68 -17.20 2.47
N PRO G 89 39.65 -17.75 3.22
CA PRO G 89 39.54 -17.98 4.67
C PRO G 89 39.80 -16.70 5.46
N VAL G 90 39.22 -16.61 6.65
CA VAL G 90 39.42 -15.43 7.49
C VAL G 90 39.69 -15.86 8.91
N THR G 91 40.74 -15.27 9.46
CA THR G 91 41.13 -15.58 10.81
C THR G 91 40.99 -14.35 11.68
N PHE G 92 40.23 -14.49 12.78
CA PHE G 92 40.09 -13.40 13.74
C PHE G 92 41.01 -13.68 14.91
N GLN G 93 41.50 -12.60 15.52
CA GLN G 93 42.40 -12.75 16.65
C GLN G 93 42.01 -11.78 17.72
N LEU G 94 41.97 -12.28 18.96
CA LEU G 94 41.82 -11.42 20.11
C LEU G 94 43.22 -10.91 20.47
N ARG G 95 43.52 -9.71 19.95
CA ARG G 95 44.87 -9.14 20.01
C ARG G 95 45.18 -8.58 21.42
N ALA G 96 44.15 -8.03 22.07
CA ALA G 96 44.27 -7.54 23.44
C ALA G 96 43.03 -7.84 24.22
N GLY G 97 43.18 -8.13 25.52
CA GLY G 97 42.03 -8.48 26.34
C GLY G 97 41.93 -9.98 26.58
N SER G 98 41.26 -10.36 27.67
CA SER G 98 41.12 -11.79 27.95
C SER G 98 39.86 -12.48 27.50
N GLY G 99 38.85 -11.67 27.13
CA GLY G 99 37.60 -12.24 26.65
C GLY G 99 36.75 -12.76 27.79
N PRO G 100 35.68 -13.50 27.45
CA PRO G 100 35.32 -13.88 26.08
C PRO G 100 34.82 -12.68 25.24
N VAL G 101 35.10 -12.71 23.96
CA VAL G 101 34.45 -11.81 22.99
C VAL G 101 33.81 -12.72 21.94
N PHE G 102 32.56 -12.39 21.57
CA PHE G 102 31.82 -13.13 20.56
C PHE G 102 31.79 -12.41 19.25
N LEU G 103 31.78 -13.15 18.16
CA LEU G 103 31.51 -12.56 16.85
C LEU G 103 30.32 -13.33 16.28
N SER G 104 29.47 -12.66 15.52
CA SER G 104 28.27 -13.24 14.93
C SER G 104 28.26 -12.81 13.48
N GLY G 105 27.61 -13.60 12.65
CA GLY G 105 27.55 -13.27 11.24
C GLY G 105 26.74 -14.30 10.48
N GLN G 106 26.90 -14.32 9.18
CA GLN G 106 26.20 -15.28 8.34
C GLN G 106 27.11 -15.71 7.23
N GLU G 107 27.13 -17.02 6.98
CA GLU G 107 27.78 -17.53 5.78
C GLU G 107 26.78 -17.41 4.64
N ARG G 108 27.16 -16.66 3.61
CA ARG G 108 26.30 -16.50 2.43
C ARG G 108 26.92 -17.22 1.22
N TYR G 109 26.33 -18.35 0.85
CA TYR G 109 26.83 -19.18 -0.25
C TYR G 109 26.08 -18.87 -1.54
N THR H 3 5.08 -7.10 0.44
CA THR H 3 4.43 -7.58 1.66
C THR H 3 5.34 -7.53 2.89
N THR H 4 5.19 -6.46 3.68
CA THR H 4 6.02 -6.21 4.85
C THR H 4 5.19 -6.03 6.13
N VAL H 5 5.70 -6.51 7.26
CA VAL H 5 4.99 -6.38 8.52
C VAL H 5 5.93 -6.15 9.71
N LEU H 6 5.62 -5.12 10.48
CA LEU H 6 6.42 -4.76 11.61
C LEU H 6 6.36 -5.90 12.60
N TRP H 7 7.52 -6.28 13.11
CA TRP H 7 7.59 -7.37 14.08
C TRP H 7 8.30 -6.85 15.32
N GLY H 8 7.88 -7.33 16.50
CA GLY H 8 8.57 -7.01 17.75
C GLY H 8 8.44 -8.15 18.77
N CYS H 9 9.36 -8.21 19.74
CA CYS H 9 9.34 -9.25 20.78
C CYS H 9 10.01 -8.78 22.08
N GLU H 10 9.44 -9.12 23.21
CA GLU H 10 10.02 -8.72 24.48
C GLU H 10 10.54 -9.93 25.29
N LEU H 11 11.84 -10.02 25.50
CA LEU H 11 12.47 -11.12 26.23
C LEU H 11 12.69 -10.71 27.65
N SER H 12 12.55 -11.67 28.57
CA SER H 12 12.71 -11.41 29.97
C SER H 12 12.87 -12.79 30.62
N GLN H 13 13.27 -12.80 31.87
CA GLN H 13 13.35 -14.08 32.61
C GLN H 13 12.06 -14.93 32.49
N GLU H 14 10.91 -14.27 32.34
CA GLU H 14 9.62 -14.95 32.26
C GLU H 14 9.34 -15.50 30.86
N ARG H 15 9.90 -14.85 29.85
CA ARG H 15 9.97 -15.43 28.54
C ARG H 15 11.39 -15.15 28.09
N ARG H 16 12.33 -16.05 28.42
CA ARG H 16 13.73 -15.89 28.00
C ARG H 16 13.92 -16.26 26.56
N THR H 17 12.97 -16.99 26.02
CA THR H 17 13.21 -17.67 24.76
C THR H 17 12.03 -17.46 23.88
N TRP H 18 12.25 -17.34 22.58
CA TRP H 18 11.15 -17.13 21.65
C TRP H 18 11.58 -17.49 20.25
N THR H 19 10.74 -18.29 19.59
CA THR H 19 11.06 -18.75 18.25
C THR H 19 10.11 -18.15 17.22
N PHE H 20 10.68 -17.43 16.26
CA PHE H 20 9.91 -16.79 15.20
C PHE H 20 9.74 -17.74 14.03
N CYS H 30 9.43 -15.49 5.20
CA CYS H 30 10.60 -15.75 4.36
C CYS H 30 11.91 -15.20 4.96
N ARG H 31 11.92 -13.90 5.27
CA ARG H 31 13.07 -13.25 5.91
C ARG H 31 12.63 -12.39 7.09
N LEU H 32 13.27 -12.58 8.25
CA LEU H 32 13.12 -11.61 9.34
C LEU H 32 14.27 -10.57 9.27
N LEU H 33 13.90 -9.30 9.10
CA LEU H 33 14.84 -8.19 9.12
C LEU H 33 14.95 -7.71 10.55
N LEU H 34 16.15 -7.73 11.11
CA LEU H 34 16.26 -7.44 12.54
C LEU H 34 16.86 -6.07 12.73
N HIS H 35 16.05 -5.11 13.21
CA HIS H 35 16.47 -3.72 13.29
C HIS H 35 17.17 -3.27 14.56
N THR H 36 16.50 -3.30 15.70
CA THR H 36 17.10 -2.81 16.94
C THR H 36 16.86 -3.76 18.09
N ILE H 37 17.71 -3.63 19.10
CA ILE H 37 17.53 -4.37 20.34
C ILE H 37 17.76 -3.35 21.42
N CYS H 38 16.83 -3.26 22.36
CA CYS H 38 16.79 -2.12 23.30
C CYS H 38 16.45 -2.66 24.68
N LEU H 39 17.10 -2.16 25.71
CA LEU H 39 16.68 -2.47 27.08
C LEU H 39 15.50 -1.61 27.48
N GLY H 40 14.56 -2.20 28.26
CA GLY H 40 13.49 -1.45 28.85
C GLY H 40 14.01 -0.57 29.98
N GLU H 41 13.32 0.52 30.26
CA GLU H 41 13.65 1.36 31.42
C GLU H 41 13.44 0.57 32.74
N LYS H 42 12.65 -0.51 32.68
CA LYS H 42 12.50 -1.41 33.87
C LYS H 42 13.68 -2.36 34.10
N ALA H 43 14.53 -2.57 33.08
CA ALA H 43 15.72 -3.44 33.27
C ALA H 43 16.62 -2.91 34.36
N LYS H 44 17.11 -3.77 35.23
CA LYS H 44 18.12 -3.34 36.21
C LYS H 44 19.54 -3.27 35.61
N GLU H 45 20.57 -3.18 36.46
CA GLU H 45 21.92 -2.81 36.03
C GLU H 45 22.84 -3.89 35.43
N GLU H 46 22.40 -5.15 35.41
CA GLU H 46 23.23 -6.25 34.94
C GLU H 46 23.48 -6.24 33.42
N MET H 47 24.60 -6.82 32.96
CA MET H 47 24.79 -6.98 31.54
C MET H 47 23.79 -7.94 30.98
N HIS H 48 23.27 -7.63 29.79
CA HIS H 48 22.31 -8.46 29.12
C HIS H 48 22.99 -8.98 27.88
N ARG H 49 22.81 -10.25 27.57
CA ARG H 49 23.31 -10.79 26.35
C ARG H 49 22.26 -11.62 25.67
N VAL H 50 22.09 -11.42 24.37
CA VAL H 50 21.09 -12.21 23.69
C VAL H 50 21.69 -13.00 22.58
N GLU H 51 21.17 -14.23 22.43
CA GLU H 51 21.77 -15.19 21.53
C GLU H 51 20.73 -15.60 20.53
N ILE H 52 21.20 -16.05 19.37
CA ILE H 52 20.35 -16.85 18.49
C ILE H 52 20.76 -18.32 18.66
N LEU H 53 19.76 -19.19 18.88
CA LEU H 53 20.02 -20.63 18.98
C LEU H 53 19.90 -21.30 17.61
N PRO H 54 20.82 -22.23 17.29
CA PRO H 54 20.80 -23.06 16.07
C PRO H 54 19.61 -24.01 16.06
N PRO H 55 19.38 -24.75 14.95
CA PRO H 55 20.25 -24.90 13.76
C PRO H 55 20.03 -23.83 12.69
N ALA H 56 20.88 -23.81 11.66
CA ALA H 56 20.72 -22.93 10.48
C ALA H 56 21.11 -23.64 9.18
N GLN H 64 25.79 -24.93 19.76
CA GLN H 64 26.54 -23.69 19.62
C GLN H 64 25.69 -22.41 19.37
N PRO H 65 25.32 -21.68 20.44
CA PRO H 65 24.54 -20.45 20.19
C PRO H 65 25.41 -19.29 19.71
N VAL H 66 24.78 -18.37 18.97
CA VAL H 66 25.48 -17.21 18.44
C VAL H 66 25.05 -15.97 19.21
N THR H 67 26.02 -15.24 19.73
CA THR H 67 25.73 -14.03 20.48
C THR H 67 25.54 -12.89 19.50
N ILE H 68 24.41 -12.20 19.60
CA ILE H 68 24.15 -11.07 18.72
C ILE H 68 24.16 -9.73 19.38
N ALA H 69 24.01 -9.65 20.69
CA ALA H 69 24.09 -8.35 21.32
C ALA H 69 24.48 -8.49 22.79
N SER H 70 25.21 -7.50 23.27
CA SER H 70 25.45 -7.31 24.71
C SER H 70 25.14 -5.87 25.04
N LEU H 71 24.29 -5.65 26.05
CA LEU H 71 23.81 -4.30 26.35
C LEU H 71 23.87 -4.08 27.83
N GLN H 72 23.95 -2.83 28.27
CA GLN H 72 23.89 -2.60 29.70
C GLN H 72 23.39 -1.19 29.96
N ALA H 73 22.42 -1.08 30.86
CA ALA H 73 21.69 0.17 31.04
C ALA H 73 22.59 1.37 31.28
N SER H 74 23.65 1.19 32.05
CA SER H 74 24.50 2.32 32.38
C SER H 74 25.55 2.60 31.33
N VAL H 75 25.63 1.76 30.30
CA VAL H 75 26.70 1.87 29.33
C VAL H 75 26.21 2.00 27.90
N LEU H 76 25.33 1.09 27.49
CA LEU H 76 24.80 1.07 26.12
C LEU H 76 23.43 0.43 26.20
N PRO H 77 22.36 1.25 26.12
CA PRO H 77 21.02 0.66 26.33
C PRO H 77 20.36 0.11 25.04
N MET H 78 20.95 0.31 23.87
CA MET H 78 20.39 -0.31 22.69
C MET H 78 21.43 -0.35 21.61
N VAL H 79 21.11 -1.10 20.56
CA VAL H 79 21.95 -1.17 19.42
C VAL H 79 21.09 -1.34 18.17
N SER H 80 21.57 -0.76 17.09
CA SER H 80 20.91 -0.90 15.84
C SER H 80 21.67 -1.93 15.02
N MET H 81 20.97 -2.89 14.44
CA MET H 81 21.69 -3.73 13.48
C MET H 81 20.95 -3.91 12.17
N VAL H 82 20.47 -2.79 11.65
CA VAL H 82 19.70 -2.77 10.42
C VAL H 82 20.53 -3.38 9.33
N GLY H 83 19.99 -4.35 8.62
CA GLY H 83 20.74 -4.95 7.53
C GLY H 83 20.88 -6.45 7.71
N VAL H 84 20.75 -6.90 8.95
CA VAL H 84 20.71 -8.31 9.27
C VAL H 84 19.39 -8.91 8.84
N GLN H 85 19.47 -9.91 7.96
CA GLN H 85 18.30 -10.65 7.48
C GLN H 85 18.39 -12.14 7.89
N LEU H 86 17.42 -12.58 8.68
CA LEU H 86 17.42 -13.92 9.27
C LEU H 86 16.45 -14.88 8.59
N SER H 87 16.93 -16.09 8.32
CA SER H 87 16.08 -17.18 7.83
C SER H 87 15.38 -17.91 8.96
N PRO H 88 14.04 -18.01 8.87
CA PRO H 88 13.19 -18.70 9.85
C PRO H 88 13.35 -20.20 9.69
N PRO H 89 13.25 -20.96 10.79
CA PRO H 89 12.94 -20.47 12.13
C PRO H 89 14.17 -19.82 12.79
N VAL H 90 13.90 -18.84 13.64
CA VAL H 90 14.96 -18.23 14.42
C VAL H 90 14.48 -18.10 15.84
N THR H 91 15.30 -18.58 16.75
CA THR H 91 14.97 -18.66 18.15
C THR H 91 15.88 -17.75 18.93
N PHE H 92 15.30 -16.73 19.56
CA PHE H 92 16.09 -15.77 20.30
C PHE H 92 16.12 -16.18 21.75
N GLN H 93 17.25 -15.97 22.40
CA GLN H 93 17.34 -16.28 23.81
C GLN H 93 18.02 -15.20 24.61
N LEU H 94 17.43 -14.83 25.73
CA LEU H 94 18.09 -13.92 26.64
C LEU H 94 19.01 -14.76 27.55
N ARG H 95 20.30 -14.82 27.19
CA ARG H 95 21.25 -15.74 27.81
C ARG H 95 21.74 -15.18 29.15
N ALA H 96 21.88 -13.88 29.24
CA ALA H 96 22.25 -13.25 30.50
C ALA H 96 21.40 -12.00 30.67
N GLY H 97 21.06 -11.66 31.91
CA GLY H 97 20.20 -10.52 32.16
C GLY H 97 18.75 -10.93 32.42
N SER H 98 18.03 -10.15 33.20
CA SER H 98 16.60 -10.49 33.41
C SER H 98 15.62 -9.70 32.52
N GLY H 99 16.12 -8.67 31.85
CA GLY H 99 15.22 -7.91 30.97
C GLY H 99 14.37 -6.90 31.72
N PRO H 100 13.35 -6.36 31.06
CA PRO H 100 12.98 -6.68 29.67
C PRO H 100 14.00 -6.19 28.60
N VAL H 101 14.10 -6.94 27.52
CA VAL H 101 14.85 -6.49 26.39
C VAL H 101 13.95 -6.65 25.21
N PHE H 102 13.87 -5.61 24.37
CA PHE H 102 13.02 -5.63 23.19
C PHE H 102 13.81 -5.88 21.93
N LEU H 103 13.18 -6.61 21.02
CA LEU H 103 13.70 -6.72 19.68
C LEU H 103 12.68 -6.12 18.71
N SER H 104 13.14 -5.40 17.70
CA SER H 104 12.27 -4.90 16.63
C SER H 104 12.80 -5.34 15.28
N GLY H 105 11.91 -5.47 14.32
CA GLY H 105 12.26 -5.86 12.97
C GLY H 105 11.08 -5.84 12.00
N GLN H 106 11.22 -6.49 10.85
CA GLN H 106 10.11 -6.62 9.89
C GLN H 106 10.14 -7.98 9.22
N GLU H 107 8.98 -8.61 9.12
CA GLU H 107 8.81 -9.80 8.29
C GLU H 107 8.71 -9.38 6.81
N ARG H 108 9.27 -10.21 5.94
CA ARG H 108 9.24 -9.95 4.52
C ARG H 108 9.59 -11.23 3.76
N THR I 4 11.55 12.59 -3.15
CA THR I 4 12.11 12.30 -1.84
C THR I 4 12.20 13.52 -0.92
N VAL I 5 11.33 13.53 0.09
CA VAL I 5 11.18 14.68 0.95
C VAL I 5 11.72 14.39 2.35
N LEU I 6 12.19 15.43 3.01
CA LEU I 6 12.78 15.26 4.33
C LEU I 6 11.64 15.35 5.35
N TRP I 7 11.71 14.56 6.42
CA TRP I 7 10.66 14.45 7.41
C TRP I 7 11.24 14.51 8.82
N GLY I 8 10.50 15.04 9.78
CA GLY I 8 10.93 14.99 11.17
C GLY I 8 9.75 15.12 12.09
N CYS I 9 9.94 14.75 13.35
CA CYS I 9 8.92 14.99 14.37
C CYS I 9 9.55 15.05 15.74
N GLU I 10 8.80 15.59 16.67
CA GLU I 10 9.25 15.76 18.03
C GLU I 10 8.18 15.16 18.95
N LEU I 11 8.63 14.24 19.82
CA LEU I 11 7.81 13.65 20.84
C LEU I 11 8.17 14.25 22.20
N SER I 12 7.15 14.35 23.07
CA SER I 12 7.39 14.79 24.44
C SER I 12 6.26 14.32 25.35
N GLN I 13 6.37 14.60 26.64
CA GLN I 13 5.30 14.16 27.55
C GLN I 13 4.00 14.92 27.22
N GLU I 14 4.15 16.16 26.75
CA GLU I 14 3.04 16.96 26.28
C GLU I 14 2.38 16.39 25.02
N ARG I 15 3.20 15.94 24.07
CA ARG I 15 2.71 15.33 22.82
C ARG I 15 3.43 14.01 22.62
N ARG I 16 2.85 12.95 23.16
CA ARG I 16 3.53 11.67 23.21
C ARG I 16 3.41 10.91 21.90
N THR I 17 2.46 11.28 21.05
CA THR I 17 2.26 10.52 19.83
C THR I 17 2.38 11.41 18.60
N TRP I 18 2.79 10.78 17.51
CA TRP I 18 2.80 11.46 16.22
C TRP I 18 2.52 10.42 15.15
N THR I 19 1.66 10.75 14.22
CA THR I 19 1.30 9.74 13.23
C THR I 19 1.71 10.24 11.87
N PHE I 20 2.50 9.44 11.16
CA PHE I 20 2.97 9.83 9.86
C PHE I 20 1.97 9.40 8.80
N ARG I 21 1.45 10.40 8.08
CA ARG I 21 0.67 10.27 6.84
C ARG I 21 1.45 10.88 5.68
N PRO I 22 1.57 10.12 4.59
CA PRO I 22 2.41 10.41 3.41
C PRO I 22 2.18 11.74 2.70
N GLN I 23 3.11 12.05 1.82
CA GLN I 23 3.02 13.23 0.98
C GLN I 23 1.90 13.06 -0.05
N CYS I 30 3.91 5.76 0.49
CA CYS I 30 4.72 4.67 -0.05
C CYS I 30 5.66 4.06 1.01
N ARG I 31 6.70 4.82 1.37
CA ARG I 31 7.67 4.39 2.39
C ARG I 31 8.19 5.56 3.24
N LEU I 32 8.38 5.30 4.52
CA LEU I 32 9.07 6.24 5.37
C LEU I 32 10.49 5.69 5.70
N LEU I 33 11.55 6.38 5.27
CA LEU I 33 12.91 6.02 5.68
C LEU I 33 13.27 6.66 7.01
N LEU I 34 13.41 5.85 8.06
CA LEU I 34 13.73 6.37 9.38
C LEU I 34 15.24 6.41 9.61
N HIS I 35 15.78 7.60 9.86
CA HIS I 35 17.24 7.79 9.97
C HIS I 35 17.81 7.86 11.39
N THR I 36 17.46 8.90 12.13
CA THR I 36 17.96 8.99 13.51
C THR I 36 16.88 9.34 14.51
N ILE I 37 17.20 9.04 15.76
CA ILE I 37 16.36 9.39 16.89
C ILE I 37 17.26 10.01 17.92
N CYS I 38 16.90 11.21 18.37
CA CYS I 38 17.80 12.03 19.18
C CYS I 38 17.10 12.68 20.37
N LEU I 39 17.77 12.73 21.52
CA LEU I 39 17.23 13.50 22.65
C LEU I 39 17.57 14.99 22.46
N GLY I 40 16.68 15.85 22.93
CA GLY I 40 17.01 17.26 22.96
C GLY I 40 17.78 17.58 24.21
N GLU I 41 18.50 18.70 24.16
CA GLU I 41 19.31 19.15 25.26
C GLU I 41 18.47 19.48 26.50
N LYS I 42 17.17 19.72 26.31
CA LYS I 42 16.31 20.00 27.44
C LYS I 42 15.70 18.74 28.05
N ALA I 43 15.92 17.57 27.44
CA ALA I 43 15.34 16.36 28.01
C ALA I 43 15.95 16.05 29.37
N LYS I 44 15.18 15.55 30.30
CA LYS I 44 15.74 15.34 31.63
C LYS I 44 16.47 14.00 31.69
N GLU I 45 16.96 13.66 32.87
CA GLU I 45 17.75 12.45 33.09
C GLU I 45 16.97 11.21 33.54
N GLU I 46 16.04 10.70 32.72
CA GLU I 46 15.67 9.31 32.83
C GLU I 46 15.67 8.63 31.47
N MET I 47 15.54 7.32 31.46
CA MET I 47 15.54 6.59 30.20
C MET I 47 14.33 6.91 29.36
N HIS I 48 14.53 7.02 28.06
CA HIS I 48 13.44 7.33 27.13
C HIS I 48 13.29 6.11 26.27
N ARG I 49 12.06 5.76 25.95
CA ARG I 49 11.78 4.62 25.13
C ARG I 49 10.72 4.97 24.07
N VAL I 50 11.01 4.66 22.81
CA VAL I 50 10.11 5.04 21.69
C VAL I 50 9.60 3.76 21.09
N GLU I 51 8.28 3.70 20.88
CA GLU I 51 7.67 2.54 20.28
C GLU I 51 6.85 2.90 19.07
N ILE I 52 6.55 1.92 18.22
CA ILE I 52 5.65 2.09 17.11
C ILE I 52 4.39 1.34 17.51
N LEU I 53 3.24 2.01 17.42
CA LEU I 53 1.97 1.40 17.78
C LEU I 53 1.30 0.91 16.49
N PRO I 54 0.74 -0.31 16.51
CA PRO I 54 -0.11 -0.84 15.41
C PRO I 54 -1.29 0.11 15.10
N PRO I 55 -1.68 0.28 13.81
CA PRO I 55 -2.79 1.19 13.48
C PRO I 55 -4.17 0.57 13.74
N GLN I 64 0.65 -5.83 19.47
CA GLN I 64 1.29 -5.03 20.53
C GLN I 64 2.35 -4.06 19.99
N PRO I 65 2.69 -3.02 20.76
CA PRO I 65 3.62 -2.00 20.22
C PRO I 65 4.99 -2.60 20.03
N VAL I 66 5.77 -2.01 19.15
CA VAL I 66 7.15 -2.46 18.92
C VAL I 66 8.11 -1.38 19.41
N THR I 67 9.03 -1.74 20.32
CA THR I 67 10.03 -0.80 20.81
C THR I 67 11.14 -0.60 19.75
N ILE I 68 11.39 0.64 19.36
CA ILE I 68 12.45 0.88 18.37
C ILE I 68 13.67 1.62 18.87
N ALA I 69 13.54 2.32 19.98
CA ALA I 69 14.71 2.97 20.57
C ALA I 69 14.63 3.13 22.10
N SER I 70 15.78 2.99 22.73
CA SER I 70 15.96 3.33 24.15
C SER I 70 17.18 4.26 24.23
N LEU I 71 17.04 5.41 24.89
CA LEU I 71 18.09 6.44 24.85
C LEU I 71 18.13 7.03 26.22
N GLN I 72 19.26 7.61 26.59
CA GLN I 72 19.34 8.27 27.89
C GLN I 72 20.44 9.30 27.82
N ALA I 73 20.15 10.50 28.29
CA ALA I 73 21.04 11.62 28.10
C ALA I 73 22.51 11.37 28.55
N SER I 74 22.67 10.74 29.70
CA SER I 74 24.04 10.59 30.22
C SER I 74 24.75 9.33 29.69
N VAL I 75 24.09 8.56 28.83
CA VAL I 75 24.60 7.29 28.35
C VAL I 75 24.65 7.23 26.82
N LEU I 76 23.53 7.56 26.19
CA LEU I 76 23.41 7.45 24.75
C LEU I 76 22.32 8.41 24.27
N PRO I 77 22.71 9.60 23.80
CA PRO I 77 21.76 10.67 23.49
C PRO I 77 21.10 10.53 22.12
N MET I 78 21.56 9.60 21.29
CA MET I 78 21.00 9.39 19.97
C MET I 78 21.35 8.02 19.42
N VAL I 79 20.65 7.67 18.35
CA VAL I 79 20.92 6.43 17.65
C VAL I 79 20.64 6.65 16.18
N SER I 80 21.48 6.05 15.37
CA SER I 80 21.22 6.02 13.98
C SER I 80 20.65 4.68 13.64
N MET I 81 19.62 4.65 12.80
CA MET I 81 19.12 3.40 12.25
C MET I 81 18.78 3.50 10.75
N VAL I 82 19.69 4.13 10.03
CA VAL I 82 19.55 4.32 8.60
C VAL I 82 19.40 2.96 7.94
N GLY I 83 18.46 2.85 7.00
CA GLY I 83 18.11 1.57 6.43
C GLY I 83 16.71 1.06 6.83
N VAL I 84 16.16 1.54 7.94
CA VAL I 84 14.80 1.12 8.32
C VAL I 84 13.77 1.81 7.41
N GLN I 85 12.90 1.03 6.79
CA GLN I 85 11.86 1.53 5.88
C GLN I 85 10.47 1.09 6.33
N LEU I 86 9.60 2.05 6.56
CA LEU I 86 8.34 1.78 7.21
C LEU I 86 7.18 2.03 6.24
N SER I 87 6.15 1.19 6.27
CA SER I 87 4.94 1.46 5.50
C SER I 87 3.97 2.25 6.35
N PRO I 88 3.49 3.38 5.80
CA PRO I 88 2.49 4.24 6.42
C PRO I 88 1.15 3.50 6.52
N PRO I 89 0.30 3.86 7.48
CA PRO I 89 0.55 4.93 8.45
C PRO I 89 1.47 4.42 9.56
N VAL I 90 2.28 5.29 10.16
CA VAL I 90 3.11 4.88 11.29
C VAL I 90 2.84 5.79 12.47
N THR I 91 2.48 5.22 13.60
CA THR I 91 2.32 6.00 14.81
C THR I 91 3.50 5.76 15.76
N PHE I 92 4.24 6.81 16.09
CA PHE I 92 5.31 6.72 17.08
C PHE I 92 4.76 7.17 18.40
N GLN I 93 5.22 6.55 19.48
CA GLN I 93 4.82 6.97 20.83
C GLN I 93 6.00 7.02 21.77
N LEU I 94 6.12 8.08 22.55
CA LEU I 94 7.11 8.16 23.61
C LEU I 94 6.51 7.44 24.79
N ARG I 95 6.88 6.17 24.88
CA ARG I 95 6.36 5.26 25.91
C ARG I 95 6.94 5.58 27.29
N ALA I 96 8.21 5.95 27.32
CA ALA I 96 8.87 6.35 28.56
C ALA I 96 9.72 7.56 28.38
N GLY I 97 9.73 8.41 29.40
CA GLY I 97 10.52 9.60 29.31
C GLY I 97 9.69 10.80 28.94
N SER I 98 10.21 11.98 29.27
CA SER I 98 9.47 13.19 29.03
C SER I 98 9.90 14.00 27.79
N GLY I 99 11.08 13.69 27.22
CA GLY I 99 11.46 14.38 26.01
C GLY I 99 11.96 15.78 26.22
N PRO I 100 12.17 16.52 25.13
CA PRO I 100 11.85 16.16 23.74
C PRO I 100 12.66 14.95 23.21
N VAL I 101 12.02 14.08 22.43
CA VAL I 101 12.76 13.22 21.54
C VAL I 101 12.42 13.51 20.08
N PHE I 102 13.46 13.68 19.24
CA PHE I 102 13.25 14.00 17.81
C PHE I 102 13.42 12.75 16.97
N LEU I 103 12.74 12.73 15.85
CA LEU I 103 12.97 11.70 14.88
C LEU I 103 13.19 12.39 13.56
N SER I 104 14.05 11.77 12.75
CA SER I 104 14.36 12.24 11.41
C SER I 104 14.27 11.08 10.40
N GLY I 105 14.11 11.46 9.13
CA GLY I 105 13.93 10.50 8.07
C GLY I 105 13.58 11.19 6.77
N GLN I 106 13.15 10.41 5.80
CA GLN I 106 12.78 10.93 4.50
C GLN I 106 11.57 10.15 4.03
N GLU I 107 10.62 10.86 3.44
CA GLU I 107 9.54 10.21 2.73
C GLU I 107 10.09 9.92 1.33
N ARG I 108 9.90 8.69 0.85
CA ARG I 108 10.27 8.31 -0.52
C ARG I 108 9.05 7.89 -1.33
N THR J 3 30.44 9.97 -10.59
CA THR J 3 31.66 10.24 -9.85
C THR J 3 31.44 10.87 -8.46
N THR J 4 32.30 10.50 -7.52
CA THR J 4 32.16 10.92 -6.13
C THR J 4 33.30 11.88 -5.69
N VAL J 5 32.95 12.90 -4.91
CA VAL J 5 33.96 13.75 -4.30
C VAL J 5 33.71 14.04 -2.82
N LEU J 6 34.81 14.11 -2.06
CA LEU J 6 34.70 14.26 -0.60
C LEU J 6 34.16 15.63 -0.18
N TRP J 7 33.31 15.66 0.84
CA TRP J 7 32.73 16.93 1.31
C TRP J 7 32.81 17.03 2.81
N GLY J 8 33.00 18.22 3.35
CA GLY J 8 32.99 18.35 4.80
C GLY J 8 32.63 19.77 5.16
N CYS J 9 32.11 19.99 6.36
CA CYS J 9 31.95 21.35 6.86
C CYS J 9 32.09 21.42 8.35
N GLU J 10 32.41 22.60 8.85
CA GLU J 10 32.55 22.81 10.29
C GLU J 10 31.59 23.90 10.80
N LEU J 11 30.70 23.56 11.73
CA LEU J 11 29.75 24.52 12.30
C LEU J 11 30.18 24.85 13.71
N SER J 12 29.82 26.06 14.11
CA SER J 12 30.20 26.57 15.41
C SER J 12 29.36 27.79 15.73
N GLN J 13 29.61 28.35 16.91
CA GLN J 13 29.03 29.64 17.30
C GLN J 13 29.20 30.71 16.21
N GLU J 14 30.35 30.71 15.54
CA GLU J 14 30.66 31.76 14.59
C GLU J 14 30.18 31.44 13.17
N ARG J 15 29.72 30.21 12.95
CA ARG J 15 29.09 29.83 11.68
C ARG J 15 28.09 28.70 11.89
N ARG J 16 26.86 29.06 12.24
CA ARG J 16 25.90 28.07 12.71
C ARG J 16 25.22 27.35 11.57
N THR J 17 25.38 27.86 10.37
CA THR J 17 24.63 27.31 9.24
C THR J 17 25.54 27.14 8.03
N TRP J 18 25.18 26.18 7.19
CA TRP J 18 25.92 25.96 5.97
C TRP J 18 25.02 25.22 5.05
N THR J 19 24.97 25.65 3.81
CA THR J 19 24.09 24.97 2.89
C THR J 19 24.88 24.33 1.74
N PHE J 20 24.49 23.11 1.43
CA PHE J 20 25.11 22.39 0.32
C PHE J 20 24.33 22.63 -0.98
N ARG J 21 25.05 23.19 -1.96
CA ARG J 21 24.58 23.38 -3.35
C ARG J 21 25.78 23.17 -4.25
N PRO J 22 25.68 22.23 -5.20
CA PRO J 22 26.80 21.95 -6.12
C PRO J 22 27.08 23.11 -7.08
N GLN J 23 26.03 23.89 -7.37
CA GLN J 23 26.15 25.08 -8.22
C GLN J 23 27.03 24.87 -9.46
N CYS J 30 22.56 15.71 -8.60
CA CYS J 30 23.52 15.59 -7.50
C CYS J 30 22.83 15.12 -6.22
N ARG J 31 23.60 14.41 -5.39
CA ARG J 31 23.13 14.02 -4.07
C ARG J 31 24.30 14.16 -3.05
N LEU J 32 23.95 14.48 -1.82
CA LEU J 32 24.91 14.55 -0.74
C LEU J 32 24.74 13.31 0.11
N LEU J 33 25.80 12.48 0.14
CA LEU J 33 25.81 11.32 1.02
C LEU J 33 26.43 11.77 2.34
N LEU J 34 25.64 11.74 3.41
CA LEU J 34 26.05 12.28 4.69
C LEU J 34 26.59 11.11 5.50
N HIS J 35 27.87 11.18 5.88
CA HIS J 35 28.52 10.07 6.59
C HIS J 35 28.65 10.21 8.08
N THR J 36 29.39 11.20 8.54
CA THR J 36 29.58 11.25 9.99
C THR J 36 29.39 12.63 10.51
N ILE J 37 29.10 12.72 11.79
CA ILE J 37 29.02 14.03 12.44
C ILE J 37 29.84 13.88 13.75
N CYS J 38 30.80 14.78 13.97
CA CYS J 38 31.78 14.62 15.05
C CYS J 38 32.05 15.93 15.77
N LEU J 39 32.18 15.84 17.09
CA LEU J 39 32.56 16.99 17.88
C LEU J 39 34.05 17.22 17.78
N GLY J 40 34.47 18.47 17.69
CA GLY J 40 35.89 18.74 17.82
C GLY J 40 36.39 18.58 19.25
N GLU J 41 37.68 18.36 19.43
CA GLU J 41 38.28 18.32 20.76
C GLU J 41 38.19 19.68 21.47
N LYS J 42 38.00 20.74 20.72
CA LYS J 42 37.84 22.08 21.31
C LYS J 42 36.41 22.36 21.80
N ALA J 43 35.46 21.47 21.50
CA ALA J 43 34.06 21.77 21.85
C ALA J 43 33.89 21.71 23.37
N LYS J 44 33.06 22.58 23.93
CA LYS J 44 32.76 22.58 25.37
C LYS J 44 31.80 21.44 25.72
N GLU J 45 31.53 21.30 27.01
CA GLU J 45 30.78 20.15 27.58
C GLU J 45 29.29 20.05 27.24
N GLU J 46 28.70 21.11 26.71
CA GLU J 46 27.24 21.11 26.57
C GLU J 46 26.76 20.16 25.46
N MET J 47 25.52 19.69 25.55
CA MET J 47 24.97 18.91 24.46
C MET J 47 24.90 19.74 23.17
N HIS J 48 25.17 19.10 22.05
CA HIS J 48 25.15 19.80 20.77
C HIS J 48 24.05 19.16 19.96
N ARG J 49 23.36 19.94 19.16
CA ARG J 49 22.28 19.39 18.34
C ARG J 49 22.28 20.02 16.93
N VAL J 50 22.26 19.17 15.92
CA VAL J 50 22.35 19.61 14.54
C VAL J 50 21.01 19.31 13.87
N GLU J 51 20.53 20.31 13.13
CA GLU J 51 19.30 20.25 12.35
C GLU J 51 19.54 20.44 10.86
N ILE J 52 18.56 20.04 10.07
CA ILE J 52 18.51 20.35 8.65
C ILE J 52 17.26 21.26 8.51
N LEU J 53 17.41 22.42 7.88
CA LEU J 53 16.25 23.31 7.77
C LEU J 53 15.31 22.86 6.66
N PRO J 54 14.01 23.11 6.84
CA PRO J 54 13.10 22.79 5.75
C PRO J 54 13.52 23.59 4.53
N PRO J 55 13.57 22.97 3.36
CA PRO J 55 13.90 23.79 2.19
C PRO J 55 12.76 24.80 1.94
N ALA J 56 13.15 26.04 1.61
CA ALA J 56 12.23 27.10 1.24
C ALA J 56 11.11 26.60 0.30
N MET J 63 6.63 21.48 9.31
CA MET J 63 7.10 22.84 9.12
C MET J 63 8.44 23.04 9.85
N GLN J 64 8.71 22.25 10.89
CA GLN J 64 9.89 22.46 11.74
C GLN J 64 11.24 21.91 11.19
N PRO J 65 12.37 22.55 11.56
CA PRO J 65 13.66 21.93 11.21
C PRO J 65 13.74 20.51 11.79
N VAL J 66 14.48 19.66 11.10
CA VAL J 66 14.53 18.25 11.43
C VAL J 66 15.88 18.02 12.15
N THR J 67 15.81 17.47 13.35
CA THR J 67 17.01 17.21 14.15
C THR J 67 17.64 15.91 13.63
N ILE J 68 18.94 15.96 13.28
CA ILE J 68 19.63 14.79 12.76
C ILE J 68 20.69 14.27 13.69
N ALA J 69 21.17 15.08 14.62
CA ALA J 69 22.16 14.52 15.56
C ALA J 69 22.14 15.23 16.89
N SER J 70 22.29 14.48 17.96
CA SER J 70 22.60 15.05 19.28
C SER J 70 23.88 14.37 19.80
N LEU J 71 24.88 15.18 20.14
CA LEU J 71 26.18 14.68 20.54
C LEU J 71 26.60 15.41 21.80
N GLN J 72 27.47 14.80 22.59
CA GLN J 72 27.99 15.49 23.76
C GLN J 72 29.34 14.86 24.08
N ALA J 73 30.32 15.69 24.40
CA ALA J 73 31.71 15.21 24.41
C ALA J 73 31.95 14.12 25.43
N SER J 74 31.33 14.22 26.59
CA SER J 74 31.57 13.26 27.66
C SER J 74 30.73 12.00 27.52
N VAL J 75 29.87 11.94 26.50
CA VAL J 75 28.91 10.87 26.36
C VAL J 75 28.99 10.19 25.01
N LEU J 76 28.98 10.97 23.93
CA LEU J 76 28.97 10.41 22.59
C LEU J 76 29.51 11.47 21.68
N PRO J 77 30.78 11.35 21.25
CA PRO J 77 31.48 12.43 20.54
C PRO J 77 31.24 12.47 19.03
N MET J 78 30.60 11.44 18.48
CA MET J 78 30.33 11.40 17.06
C MET J 78 29.25 10.38 16.79
N VAL J 79 28.77 10.40 15.56
CA VAL J 79 27.86 9.38 15.08
C VAL J 79 28.12 9.11 13.59
N SER J 80 27.87 7.89 13.13
CA SER J 80 27.82 7.67 11.70
C SER J 80 26.37 7.43 11.31
N MET J 81 26.01 7.93 10.14
CA MET J 81 24.68 7.74 9.60
C MET J 81 24.86 7.46 8.14
N VAL J 82 25.85 6.61 7.88
CA VAL J 82 26.16 6.23 6.53
C VAL J 82 24.92 5.66 5.88
N GLY J 83 24.63 6.11 4.67
CA GLY J 83 23.44 5.64 3.98
C GLY J 83 22.41 6.76 3.79
N VAL J 84 22.53 7.81 4.58
CA VAL J 84 21.72 8.99 4.38
C VAL J 84 22.09 9.69 3.09
N GLN J 85 21.10 9.88 2.19
CA GLN J 85 21.34 10.59 0.92
C GLN J 85 20.37 11.75 0.80
N LEU J 86 20.91 12.94 0.62
CA LEU J 86 20.15 14.17 0.70
C LEU J 86 20.10 14.84 -0.67
N SER J 87 18.94 15.38 -1.02
CA SER J 87 18.73 16.12 -2.27
C SER J 87 19.03 17.60 -2.01
N PRO J 88 19.88 18.21 -2.81
CA PRO J 88 20.25 19.61 -2.63
C PRO J 88 19.15 20.54 -3.18
N PRO J 89 19.04 21.75 -2.66
CA PRO J 89 19.87 22.30 -1.59
C PRO J 89 19.56 21.71 -0.20
N VAL J 90 20.59 21.55 0.61
CA VAL J 90 20.40 21.20 2.00
C VAL J 90 21.18 22.13 2.91
N THR J 91 20.48 22.65 3.91
CA THR J 91 21.10 23.55 4.85
C THR J 91 21.20 22.94 6.22
N PHE J 92 22.40 22.87 6.78
CA PHE J 92 22.59 22.36 8.13
C PHE J 92 22.67 23.50 9.10
N GLN J 93 22.14 23.27 10.30
CA GLN J 93 22.21 24.33 11.31
C GLN J 93 22.60 23.75 12.65
N LEU J 94 23.55 24.40 13.32
CA LEU J 94 23.93 24.01 14.66
C LEU J 94 22.98 24.70 15.63
N ARG J 95 21.96 23.92 16.03
CA ARG J 95 20.84 24.45 16.81
C ARG J 95 21.22 24.70 18.28
N ALA J 96 21.98 23.80 18.87
CA ALA J 96 22.42 23.99 20.25
C ALA J 96 23.91 23.59 20.36
N GLY J 97 24.66 24.32 21.17
CA GLY J 97 26.06 24.04 21.38
C GLY J 97 26.94 25.03 20.63
N SER J 98 28.17 25.19 21.08
CA SER J 98 29.08 26.20 20.51
C SER J 98 30.04 25.60 19.45
N GLY J 99 30.15 24.27 19.44
CA GLY J 99 31.04 23.61 18.50
C GLY J 99 32.49 23.81 18.90
N PRO J 100 33.42 23.48 17.99
CA PRO J 100 33.11 23.04 16.61
C PRO J 100 32.41 21.65 16.47
N VAL J 101 31.56 21.54 15.46
CA VAL J 101 30.96 20.27 15.06
C VAL J 101 31.26 20.07 13.57
N PHE J 102 31.76 18.90 13.21
CA PHE J 102 32.16 18.62 11.84
C PHE J 102 31.14 17.71 11.19
N LEU J 103 31.01 17.83 9.88
CA LEU J 103 30.22 16.93 9.09
C LEU J 103 31.10 16.42 7.97
N SER J 104 30.90 15.17 7.58
CA SER J 104 31.64 14.63 6.47
C SER J 104 30.65 13.97 5.55
N GLY J 105 31.03 13.85 4.29
CA GLY J 105 30.17 13.12 3.39
C GLY J 105 30.78 13.09 2.00
N GLN J 106 30.00 12.66 1.02
CA GLN J 106 30.44 12.75 -0.38
C GLN J 106 29.38 13.34 -1.31
N GLU J 107 29.84 14.16 -2.25
CA GLU J 107 28.95 14.61 -3.31
C GLU J 107 29.01 13.58 -4.43
N ARG J 108 27.88 13.08 -4.91
CA ARG J 108 27.89 12.25 -6.13
C ARG J 108 26.82 12.71 -7.14
#